data_6B2T
#
_entry.id   6B2T
#
_cell.length_a   81.421
_cell.length_b   84.996
_cell.length_c   102.956
_cell.angle_alpha   90.000
_cell.angle_beta   90.000
_cell.angle_gamma   90.000
#
_symmetry.space_group_name_H-M   'P 21 21 21'
#
loop_
_entity.id
_entity.type
_entity.pdbx_description
1 polymer '3-oxoacyl-[ACP] synthase III'
2 polymer '3-oxoacyl-[ACP] synthase III'
3 non-polymer 'PHOSPHATE ION'
4 non-polymer GLYCEROL
5 water water
#
loop_
_entity_poly.entity_id
_entity_poly.type
_entity_poly.pdbx_seq_one_letter_code
_entity_poly.pdbx_strand_id
1 'polypeptide(L)'
;MGSSHHHHHHSSGLVPRGSHMLFQNVSIAGLAHIDAPHTLTSKEINERLQPTYDRLGIKTDVLGDVAGIHARRLWDQDVQ
ASDAATQAARKALIDANIGIEKIGLLINTSVSRDYLEPSTASIVSGNLGVSDHCMTFDVANACLAFINGMDIAARMLERG
EIDYALVVDGETANLVYEKTLERMTSPDVTEEEFRNELAALTLGCGAAAMVMARSELVPDAPRYKGGVTRSATEWNKLCR
GNLDRMVTDTRLLLIEGIKLAQKTFVAAKQVLGWAVEELDQFVIDQVSRPHTAAFVKSFGIDPAKVMTIFGEHGNIGPAS
VPIVLSKLKELGRLKKGDRIALLGIGSGLNCSMAEVVW
;
A
2 'polypeptide(L)'
;MGSSHHHHHHSSGLVPRGSHMLFQNVSIAGLAHIDAPHTLTSKEINERLQPTYDRLGIKTDVLGDVAGIHARRLWDQDVQ
ASDAATQAARKALIDANIGIEKIGLLINTSVSRDYLEPSTASIVSGNLGVSDHCMTFDVANA(CSO)LAFINGMDIAARM
LERGEIDYALVVDGETANLVYEKTLERMTSPDVTEEEFRNELAALTLGCGAAAMVMARSELVPDAPRYKGGVTRSATEWN
KLCRGNLDRMVTDTRLLLIEGIKLAQKTFVAAKQVLGWAVEELDQFVIDQVSRPHTAAFVKSFGIDPAKVMTIFGEHGNI
GPASVPIVLSKLKELGRLKKGDRIALLGIGSGLNCSMAEVVW
;
B
#
loop_
_chem_comp.id
_chem_comp.type
_chem_comp.name
_chem_comp.formula
GOL non-polymer GLYCEROL 'C3 H8 O3'
PO4 non-polymer 'PHOSPHATE ION' 'O4 P -3'
#
# COMPACT_ATOMS: atom_id res chain seq x y z
N LEU A 14 34.47 10.43 21.87
CA LEU A 14 35.61 11.20 21.21
C LEU A 14 35.07 12.06 20.03
N VAL A 15 35.02 11.46 18.84
CA VAL A 15 34.73 12.14 17.59
C VAL A 15 33.22 12.08 17.44
N PRO A 16 32.55 13.25 17.37
CA PRO A 16 31.10 13.31 17.17
C PRO A 16 30.62 12.72 15.83
N ARG A 17 29.67 11.80 15.93
CA ARG A 17 29.13 11.07 14.80
C ARG A 17 27.65 11.42 14.53
N GLY A 18 27.21 11.16 13.31
CA GLY A 18 25.81 11.24 12.97
C GLY A 18 25.03 10.10 13.60
N SER A 19 23.71 10.23 13.54
CA SER A 19 22.80 9.15 13.88
C SER A 19 22.73 8.11 12.76
N HIS A 20 23.27 8.41 11.58
CA HIS A 20 23.21 7.57 10.39
C HIS A 20 21.75 7.37 9.86
N MET A 21 20.98 8.45 10.01
CA MET A 21 19.55 8.47 9.72
C MET A 21 18.71 7.53 10.61
N LEU A 22 19.27 6.97 11.68
CA LEU A 22 18.52 6.00 12.50
C LEU A 22 17.50 6.68 13.40
N PHE A 23 16.42 5.97 13.66
CA PHE A 23 15.30 6.50 14.42
C PHE A 23 15.63 6.75 15.90
N GLN A 24 15.18 7.91 16.36
CA GLN A 24 15.42 8.40 17.70
C GLN A 24 14.13 8.35 18.50
N ASN A 25 14.22 7.76 19.68
CA ASN A 25 13.09 7.71 20.62
C ASN A 25 11.79 7.11 20.05
N VAL A 26 11.96 6.06 19.27
CA VAL A 26 10.86 5.27 18.78
C VAL A 26 10.97 3.93 19.46
N SER A 27 9.85 3.52 20.07
CA SER A 27 9.78 2.32 20.87
C SER A 27 8.62 1.40 20.44
N ILE A 28 8.76 0.12 20.77
CA ILE A 28 7.69 -0.87 20.61
C ILE A 28 6.97 -1.06 21.92
N ALA A 29 5.73 -0.58 22.02
CA ALA A 29 4.96 -0.59 23.27
C ALA A 29 4.04 -1.82 23.42
N GLY A 30 3.77 -2.50 22.31
CA GLY A 30 3.05 -3.77 22.35
C GLY A 30 3.18 -4.61 21.10
N LEU A 31 2.95 -5.89 21.25
CA LEU A 31 3.22 -6.83 20.21
C LEU A 31 2.32 -8.03 20.44
N ALA A 32 1.70 -8.52 19.37
CA ALA A 32 0.82 -9.68 19.45
C ALA A 32 0.71 -10.39 18.12
N HIS A 33 0.46 -11.69 18.20
CA HIS A 33 0.18 -12.51 17.02
C HIS A 33 -1.08 -13.32 17.25
N ILE A 34 -1.59 -13.88 16.15
CA ILE A 34 -2.75 -14.76 16.17
C ILE A 34 -2.37 -15.93 15.29
N ASP A 35 -2.53 -17.15 15.81
CA ASP A 35 -2.37 -18.36 15.00
C ASP A 35 -3.73 -18.76 14.47
N ALA A 36 -3.78 -19.12 13.19
CA ALA A 36 -5.03 -19.54 12.55
C ALA A 36 -5.41 -20.94 13.03
N PRO A 37 -6.72 -21.23 13.16
CA PRO A 37 -7.18 -22.39 13.92
C PRO A 37 -6.94 -23.76 13.29
N HIS A 38 -7.17 -23.90 11.99
CA HIS A 38 -7.19 -25.21 11.29
C HIS A 38 -5.81 -25.63 10.73
N THR A 39 -5.35 -26.82 11.14
CA THR A 39 -4.10 -27.40 10.66
C THR A 39 -4.34 -28.18 9.35
N LEU A 40 -3.46 -27.90 8.37
CA LEU A 40 -3.36 -28.63 7.10
C LEU A 40 -1.97 -29.24 7.01
N THR A 41 -1.88 -30.56 7.09
CA THR A 41 -0.56 -31.23 7.09
C THR A 41 0.00 -31.37 5.67
N SER A 42 1.31 -31.40 5.55
CA SER A 42 1.93 -31.76 4.30
C SER A 42 1.59 -33.17 3.89
N LYS A 43 1.31 -34.07 4.84
CA LYS A 43 0.80 -35.42 4.49
C LYS A 43 -0.55 -35.37 3.76
N GLU A 44 -1.51 -34.60 4.28
CA GLU A 44 -2.80 -34.48 3.61
C GLU A 44 -2.58 -34.02 2.20
N ILE A 45 -1.75 -32.98 2.05
CA ILE A 45 -1.51 -32.33 0.77
C ILE A 45 -0.92 -33.34 -0.21
N ASN A 46 0.08 -34.10 0.28
CA ASN A 46 0.79 -35.07 -0.55
C ASN A 46 -0.11 -36.21 -1.03
N GLU A 47 -1.04 -36.64 -0.17
CA GLU A 47 -2.01 -37.70 -0.50
C GLU A 47 -2.87 -37.28 -1.64
N ARG A 48 -3.24 -36.01 -1.64
CA ARG A 48 -4.09 -35.41 -2.64
C ARG A 48 -3.33 -35.20 -3.95
N LEU A 49 -2.03 -34.86 -3.85
CA LEU A 49 -1.17 -34.63 -5.01
C LEU A 49 -0.46 -35.87 -5.52
N GLN A 50 -0.59 -36.99 -4.81
CA GLN A 50 0.16 -38.21 -5.17
C GLN A 50 -0.07 -38.71 -6.61
N PRO A 51 -1.33 -38.77 -7.07
CA PRO A 51 -1.53 -39.13 -8.49
C PRO A 51 -0.77 -38.23 -9.47
N THR A 52 -0.68 -36.94 -9.16
CA THR A 52 0.09 -36.02 -9.99
C THR A 52 1.62 -36.21 -9.79
N TYR A 53 2.11 -36.22 -8.55
CA TYR A 53 3.49 -36.67 -8.29
C TYR A 53 3.90 -37.90 -9.11
N ASP A 54 3.06 -38.94 -9.10
CA ASP A 54 3.33 -40.17 -9.81
C ASP A 54 3.38 -39.91 -11.30
N ARG A 55 2.39 -39.22 -11.83
CA ARG A 55 2.35 -38.90 -13.26
C ARG A 55 3.60 -38.14 -13.69
N LEU A 56 4.04 -37.18 -12.86
CA LEU A 56 5.27 -36.38 -13.09
C LEU A 56 6.59 -36.98 -12.59
N GLY A 57 6.56 -38.18 -12.00
CA GLY A 57 7.79 -38.84 -11.58
C GLY A 57 8.44 -38.28 -10.33
N ILE A 58 7.67 -37.51 -9.54
CA ILE A 58 8.19 -36.89 -8.33
C ILE A 58 8.23 -37.92 -7.23
N LYS A 59 9.43 -38.35 -6.85
CA LYS A 59 9.62 -39.38 -5.82
C LYS A 59 10.13 -38.86 -4.48
N THR A 60 10.13 -37.54 -4.31
CA THR A 60 10.52 -36.97 -3.04
C THR A 60 9.46 -36.02 -2.56
N ASP A 61 9.35 -35.94 -1.23
CA ASP A 61 8.44 -35.04 -0.52
C ASP A 61 9.06 -33.66 -0.52
N VAL A 62 8.70 -32.91 -1.55
CA VAL A 62 9.23 -31.55 -1.79
C VAL A 62 8.77 -30.58 -0.69
N LEU A 63 7.59 -30.81 -0.14
CA LEU A 63 7.08 -29.99 0.97
C LEU A 63 7.75 -30.35 2.30
N GLY A 64 7.58 -31.60 2.73
CA GLY A 64 8.07 -32.04 4.02
C GLY A 64 9.58 -32.11 4.13
N ASP A 65 10.22 -32.91 3.27
CA ASP A 65 11.68 -33.09 3.33
C ASP A 65 12.46 -31.96 2.68
N VAL A 66 12.16 -31.60 1.44
CA VAL A 66 12.94 -30.51 0.80
C VAL A 66 12.62 -29.13 1.44
N ALA A 67 11.37 -28.69 1.37
CA ALA A 67 11.02 -27.34 1.79
C ALA A 67 10.99 -27.15 3.32
N GLY A 68 10.92 -28.25 4.06
CA GLY A 68 10.95 -28.20 5.52
C GLY A 68 9.65 -27.79 6.20
N ILE A 69 8.53 -27.90 5.51
CA ILE A 69 7.21 -27.51 6.02
C ILE A 69 6.40 -28.77 6.19
N HIS A 70 5.93 -29.02 7.41
CA HIS A 70 5.20 -30.23 7.76
C HIS A 70 3.71 -29.91 7.92
N ALA A 71 3.40 -28.65 8.21
CA ALA A 71 2.03 -28.19 8.40
C ALA A 71 2.00 -26.67 8.30
N ARG A 72 0.82 -26.16 7.96
CA ARG A 72 0.52 -24.76 7.96
C ARG A 72 -0.89 -24.60 8.52
N ARG A 73 -1.28 -23.38 8.89
CA ARG A 73 -2.62 -23.10 9.44
C ARG A 73 -3.47 -22.32 8.50
N LEU A 74 -4.78 -22.50 8.65
CA LEU A 74 -5.79 -21.87 7.77
C LEU A 74 -6.96 -21.38 8.56
N TRP A 75 -7.56 -20.26 8.12
CA TRP A 75 -8.76 -19.73 8.74
C TRP A 75 -9.93 -20.54 8.21
N ASP A 76 -11.14 -20.20 8.65
CA ASP A 76 -12.34 -20.50 7.86
C ASP A 76 -12.34 -19.66 6.59
N GLN A 77 -13.01 -20.19 5.56
CA GLN A 77 -13.08 -19.57 4.23
C GLN A 77 -13.73 -18.18 4.24
N ASP A 78 -14.69 -17.97 5.17
CA ASP A 78 -15.35 -16.67 5.33
C ASP A 78 -14.55 -15.59 6.09
N VAL A 79 -13.37 -15.93 6.60
CA VAL A 79 -12.56 -14.99 7.38
C VAL A 79 -11.71 -14.13 6.44
N GLN A 80 -11.68 -12.82 6.71
CA GLN A 80 -10.98 -11.82 5.91
C GLN A 80 -9.68 -11.32 6.56
N ALA A 81 -8.79 -10.78 5.74
CA ALA A 81 -7.61 -10.12 6.22
C ALA A 81 -7.94 -9.14 7.34
N SER A 82 -8.86 -8.22 7.05
CA SER A 82 -9.33 -7.23 8.03
C SER A 82 -9.75 -7.85 9.38
N ASP A 83 -10.38 -9.03 9.35
CA ASP A 83 -10.86 -9.67 10.59
C ASP A 83 -9.71 -10.15 11.44
N ALA A 84 -8.78 -10.86 10.82
CA ALA A 84 -7.50 -11.27 11.44
C ALA A 84 -6.63 -10.08 11.90
N ALA A 85 -6.49 -9.07 11.04
CA ALA A 85 -5.76 -7.86 11.41
C ALA A 85 -6.34 -7.26 12.69
N THR A 86 -7.67 -7.25 12.78
CA THR A 86 -8.37 -6.70 13.94
C THR A 86 -8.20 -7.53 15.22
N GLN A 87 -8.27 -8.87 15.11
CA GLN A 87 -8.06 -9.73 16.27
C GLN A 87 -6.69 -9.42 16.89
N ALA A 88 -5.67 -9.42 16.03
CA ALA A 88 -4.29 -9.15 16.41
C ALA A 88 -4.11 -7.79 17.05
N ALA A 89 -4.69 -6.78 16.40
CA ALA A 89 -4.70 -5.39 16.91
C ALA A 89 -5.24 -5.26 18.33
N ARG A 90 -6.33 -5.98 18.63
CA ARG A 90 -6.90 -5.99 19.97
C ARG A 90 -5.91 -6.57 20.97
N LYS A 91 -5.30 -7.70 20.63
CA LYS A 91 -4.33 -8.32 21.51
C LYS A 91 -3.10 -7.46 21.75
N ALA A 92 -2.71 -6.67 20.76
CA ALA A 92 -1.55 -5.79 20.89
C ALA A 92 -1.86 -4.58 21.73
N LEU A 93 -3.13 -4.14 21.71
CA LEU A 93 -3.59 -3.04 22.55
C LEU A 93 -3.54 -3.45 24.01
N ILE A 94 -4.06 -4.64 24.29
CA ILE A 94 -4.01 -5.22 25.65
C ILE A 94 -2.55 -5.33 26.09
N ASP A 95 -1.72 -5.88 25.22
CA ASP A 95 -0.29 -5.93 25.50
C ASP A 95 0.31 -4.53 25.84
N ALA A 96 -0.05 -3.50 25.06
CA ALA A 96 0.42 -2.13 25.31
C ALA A 96 -0.33 -1.44 26.44
N ASN A 97 -1.33 -2.12 27.00
CA ASN A 97 -2.19 -1.59 28.04
C ASN A 97 -2.73 -0.17 27.73
N ILE A 98 -3.16 0.04 26.47
CA ILE A 98 -3.81 1.30 26.07
C ILE A 98 -5.12 1.03 25.34
N GLY A 99 -6.00 2.03 25.39
CA GLY A 99 -7.22 2.07 24.58
C GLY A 99 -6.97 2.61 23.17
N ILE A 100 -7.89 2.26 22.27
CA ILE A 100 -7.83 2.67 20.86
C ILE A 100 -7.89 4.19 20.63
N GLU A 101 -8.47 4.92 21.59
CA GLU A 101 -8.46 6.39 21.56
C GLU A 101 -7.06 7.06 21.53
N LYS A 102 -6.01 6.31 21.84
CA LYS A 102 -4.65 6.85 21.88
C LYS A 102 -3.94 6.72 20.57
N ILE A 103 -4.54 6.01 19.62
CA ILE A 103 -3.89 5.65 18.38
C ILE A 103 -4.15 6.74 17.37
N GLY A 104 -3.08 7.42 16.96
CA GLY A 104 -3.15 8.41 15.91
C GLY A 104 -2.77 7.99 14.51
N LEU A 105 -2.28 6.76 14.32
CA LEU A 105 -1.86 6.25 13.01
C LEU A 105 -2.10 4.77 12.93
N LEU A 106 -2.72 4.30 11.86
CA LEU A 106 -2.90 2.85 11.70
C LEU A 106 -2.57 2.46 10.26
N ILE A 107 -1.50 1.69 10.08
CA ILE A 107 -1.13 1.16 8.78
C ILE A 107 -1.41 -0.36 8.71
N ASN A 108 -2.17 -0.79 7.72
CA ASN A 108 -2.31 -2.22 7.38
C ASN A 108 -1.20 -2.53 6.36
N THR A 109 -0.42 -3.58 6.60
CA THR A 109 0.70 -3.91 5.74
C THR A 109 0.57 -5.24 5.00
N SER A 110 -0.62 -5.85 4.99
CA SER A 110 -0.80 -7.23 4.49
C SER A 110 -0.82 -7.30 2.97
N VAL A 111 -0.49 -8.47 2.44
CA VAL A 111 -0.66 -8.80 1.03
C VAL A 111 -2.12 -9.15 0.74
N SER A 112 -2.69 -10.01 1.57
CA SER A 112 -4.13 -10.27 1.52
C SER A 112 -4.87 -8.96 1.66
N ARG A 113 -5.83 -8.68 0.80
CA ARG A 113 -6.66 -7.48 0.97
C ARG A 113 -8.14 -7.72 0.73
N ASP A 114 -8.98 -7.08 1.55
CA ASP A 114 -10.45 -7.17 1.43
C ASP A 114 -11.00 -6.73 0.06
N TYR A 115 -10.68 -5.49 -0.32
CA TYR A 115 -11.08 -4.86 -1.59
C TYR A 115 -9.87 -4.12 -2.16
N LEU A 116 -10.04 -3.52 -3.34
CA LEU A 116 -9.01 -2.61 -3.91
C LEU A 116 -9.14 -1.23 -3.26
N GLU A 117 -10.40 -0.81 -3.07
CA GLU A 117 -10.76 0.28 -2.14
C GLU A 117 -12.06 -0.07 -1.41
N PRO A 118 -12.28 0.32 -0.14
CA PRO A 118 -11.35 1.15 0.65
C PRO A 118 -10.12 0.39 1.12
N SER A 119 -9.29 1.06 1.93
CA SER A 119 -8.08 0.44 2.44
C SER A 119 -8.55 -0.59 3.43
N THR A 120 -7.79 -1.67 3.56
CA THR A 120 -8.00 -2.63 4.62
C THR A 120 -7.79 -2.00 6.01
N ALA A 121 -6.91 -0.99 6.12
CA ALA A 121 -6.74 -0.22 7.36
C ALA A 121 -8.01 0.51 7.78
N SER A 122 -8.75 1.04 6.81
CA SER A 122 -10.08 1.61 7.07
C SER A 122 -11.05 0.66 7.80
N ILE A 123 -11.03 -0.60 7.36
CA ILE A 123 -11.97 -1.59 7.84
C ILE A 123 -11.52 -2.02 9.24
N VAL A 124 -10.23 -2.21 9.44
CA VAL A 124 -9.69 -2.49 10.77
C VAL A 124 -9.99 -1.30 11.70
N SER A 125 -9.73 -0.09 11.20
CA SER A 125 -9.91 1.10 12.03
C SER A 125 -11.33 1.25 12.50
N GLY A 126 -12.29 1.04 11.60
CA GLY A 126 -13.73 1.12 11.91
C GLY A 126 -14.21 0.07 12.92
N ASN A 127 -13.72 -1.17 12.78
CA ASN A 127 -13.97 -2.26 13.74
C ASN A 127 -13.44 -1.93 15.12
N LEU A 128 -12.26 -1.31 15.20
CA LEU A 128 -11.68 -0.94 16.48
C LEU A 128 -12.30 0.30 17.08
N GLY A 129 -12.83 1.19 16.24
CA GLY A 129 -13.36 2.47 16.65
C GLY A 129 -12.27 3.49 16.94
N VAL A 130 -11.37 3.74 15.98
CA VAL A 130 -10.32 4.79 16.15
C VAL A 130 -10.93 6.19 16.23
N SER A 131 -10.21 7.16 16.78
CA SER A 131 -10.73 8.53 16.78
C SER A 131 -10.75 9.12 15.36
N ASP A 132 -11.38 10.29 15.23
CA ASP A 132 -11.32 11.04 14.01
C ASP A 132 -9.95 11.69 13.75
N HIS A 133 -9.06 11.75 14.75
CA HIS A 133 -7.65 12.12 14.54
C HIS A 133 -6.80 10.97 13.96
N CYS A 134 -7.34 9.76 13.83
CA CYS A 134 -6.53 8.63 13.36
C CYS A 134 -6.29 8.61 11.85
N MET A 135 -5.01 8.64 11.46
CA MET A 135 -4.60 8.49 10.07
C MET A 135 -4.52 7.02 9.69
N THR A 136 -5.10 6.70 8.54
CA THR A 136 -5.16 5.30 8.03
C THR A 136 -4.83 5.19 6.55
N PHE A 137 -4.06 4.16 6.20
CA PHE A 137 -3.81 3.75 4.81
C PHE A 137 -3.17 2.38 4.80
N ASP A 138 -3.00 1.80 3.62
CA ASP A 138 -2.33 0.53 3.44
C ASP A 138 -0.93 0.74 2.88
N VAL A 139 -0.06 -0.23 3.15
CA VAL A 139 1.23 -0.31 2.50
C VAL A 139 1.28 -1.73 1.95
N ALA A 140 1.51 -1.89 0.66
CA ALA A 140 1.77 -3.21 0.08
C ALA A 140 3.21 -3.24 -0.47
N ASN A 141 4.00 -4.22 -0.03
CA ASN A 141 5.32 -4.45 -0.56
C ASN A 141 5.79 -5.87 -0.28
N ALA A 142 5.02 -6.86 -0.71
CA ALA A 142 5.38 -8.27 -0.50
C ALA A 142 5.68 -8.50 1.00
N CYS A 143 6.67 -9.32 1.35
N CYS A 143 6.67 -9.35 1.33
CA CYS A 143 6.88 -9.71 2.76
CA CYS A 143 6.93 -9.74 2.73
C CYS A 143 7.62 -8.68 3.61
C CYS A 143 7.78 -8.75 3.53
N LEU A 144 7.99 -7.55 3.00
CA LEU A 144 8.79 -6.52 3.64
C LEU A 144 7.92 -5.41 4.17
N ALA A 145 6.62 -5.45 3.85
CA ALA A 145 5.69 -4.35 4.22
C ALA A 145 5.54 -3.97 5.68
N PHE A 146 5.67 -4.93 6.59
CA PHE A 146 5.48 -4.65 8.01
C PHE A 146 6.60 -3.75 8.49
N ILE A 147 7.80 -4.07 8.07
CA ILE A 147 8.96 -3.25 8.34
C ILE A 147 8.82 -1.86 7.70
N ASN A 148 8.33 -1.80 6.46
CA ASN A 148 8.04 -0.49 5.80
C ASN A 148 7.09 0.35 6.65
N GLY A 149 6.01 -0.28 7.13
CA GLY A 149 5.02 0.36 8.03
C GLY A 149 5.64 0.77 9.36
N MET A 150 6.42 -0.12 9.96
CA MET A 150 7.23 0.26 11.10
C MET A 150 8.04 1.56 10.83
N ASP A 151 8.67 1.67 9.67
CA ASP A 151 9.50 2.85 9.37
C ASP A 151 8.61 4.10 9.23
N ILE A 152 7.54 3.99 8.45
CA ILE A 152 6.64 5.10 8.22
C ILE A 152 6.06 5.63 9.52
N ALA A 153 5.73 4.72 10.44
CA ALA A 153 5.24 5.14 11.74
C ALA A 153 6.38 5.66 12.62
N ALA A 154 7.54 5.02 12.57
CA ALA A 154 8.72 5.54 13.26
C ALA A 154 9.00 7.00 12.94
N ARG A 155 8.85 7.42 11.68
CA ARG A 155 9.15 8.79 11.28
C ARG A 155 8.20 9.82 11.88
N MET A 156 6.94 9.47 11.98
CA MET A 156 5.99 10.33 12.64
C MET A 156 6.22 10.41 14.13
N LEU A 157 6.50 9.28 14.79
CA LEU A 157 6.65 9.25 16.26
C LEU A 157 7.88 10.03 16.72
N GLU A 158 8.97 9.86 15.95
CA GLU A 158 10.19 10.63 16.15
C GLU A 158 9.92 12.10 16.10
N ARG A 159 9.16 12.51 15.09
CA ARG A 159 8.87 13.93 14.86
C ARG A 159 7.89 14.47 15.90
N GLY A 160 7.20 13.56 16.59
CA GLY A 160 6.27 13.92 17.64
C GLY A 160 4.94 14.34 17.10
N GLU A 161 4.53 13.88 15.91
CA GLU A 161 3.20 14.19 15.37
C GLU A 161 2.12 13.32 15.99
N ILE A 162 2.51 12.22 16.63
CA ILE A 162 1.58 11.28 17.27
C ILE A 162 2.23 10.66 18.51
N ASP A 163 1.40 10.05 19.36
CA ASP A 163 1.88 9.33 20.54
C ASP A 163 2.05 7.85 20.26
N TYR A 164 1.05 7.27 19.61
CA TYR A 164 0.97 5.84 19.36
C TYR A 164 0.54 5.53 17.92
N ALA A 165 1.09 4.44 17.41
CA ALA A 165 0.74 3.94 16.08
C ALA A 165 0.37 2.47 16.21
N LEU A 166 -0.57 2.00 15.38
CA LEU A 166 -0.77 0.55 15.12
C LEU A 166 -0.29 0.19 13.72
N VAL A 167 0.55 -0.84 13.65
CA VAL A 167 0.87 -1.50 12.40
C VAL A 167 0.25 -2.88 12.52
N VAL A 168 -0.64 -3.21 11.58
CA VAL A 168 -1.43 -4.43 11.62
C VAL A 168 -1.32 -5.23 10.32
N ASP A 169 -1.45 -6.54 10.45
CA ASP A 169 -1.25 -7.39 9.31
C ASP A 169 -1.90 -8.75 9.50
N GLY A 170 -2.96 -8.99 8.74
CA GLY A 170 -3.63 -10.29 8.68
C GLY A 170 -3.52 -10.88 7.30
N GLU A 171 -2.98 -12.10 7.22
CA GLU A 171 -2.88 -12.87 5.97
C GLU A 171 -3.84 -14.06 5.93
N THR A 172 -4.44 -14.29 4.77
CA THR A 172 -5.26 -15.46 4.50
C THR A 172 -4.90 -16.07 3.15
N ALA A 173 -4.61 -17.38 3.13
CA ALA A 173 -4.20 -18.09 1.90
C ALA A 173 -5.16 -19.20 1.50
N ASN A 174 -6.31 -19.31 2.18
CA ASN A 174 -7.34 -20.32 1.90
C ASN A 174 -7.63 -20.45 0.43
N LEU A 175 -7.90 -19.32 -0.19
CA LEU A 175 -8.30 -19.33 -1.56
C LEU A 175 -7.16 -19.81 -2.44
N VAL A 176 -5.95 -19.26 -2.27
CA VAL A 176 -4.83 -19.73 -3.09
C VAL A 176 -4.59 -21.25 -2.90
N TYR A 177 -4.76 -21.71 -1.66
CA TYR A 177 -4.69 -23.16 -1.35
C TYR A 177 -5.68 -24.03 -2.11
N GLU A 178 -6.99 -23.74 -2.05
CA GLU A 178 -7.94 -24.60 -2.76
C GLU A 178 -7.81 -24.49 -4.28
N LYS A 179 -7.61 -23.29 -4.83
CA LYS A 179 -7.47 -23.15 -6.29
C LYS A 179 -6.16 -23.73 -6.82
N THR A 180 -5.06 -23.52 -6.12
CA THR A 180 -3.75 -24.09 -6.51
C THR A 180 -3.80 -25.63 -6.47
N LEU A 181 -4.29 -26.17 -5.36
CA LEU A 181 -4.50 -27.61 -5.26
C LEU A 181 -5.40 -28.17 -6.38
N GLU A 182 -6.40 -27.40 -6.77
CA GLU A 182 -7.29 -27.83 -7.85
C GLU A 182 -6.53 -27.83 -9.19
N ARG A 183 -5.78 -26.76 -9.50
CA ARG A 183 -4.98 -26.71 -10.74
C ARG A 183 -3.82 -27.72 -10.77
N MET A 184 -3.17 -27.93 -9.63
CA MET A 184 -2.05 -28.89 -9.53
C MET A 184 -2.45 -30.36 -9.58
N THR A 185 -3.72 -30.66 -9.35
CA THR A 185 -4.24 -32.00 -9.53
C THR A 185 -4.87 -32.21 -10.91
N SER A 186 -4.81 -31.21 -11.77
CA SER A 186 -5.30 -31.37 -13.15
C SER A 186 -4.50 -32.43 -13.93
N PRO A 187 -5.21 -33.37 -14.56
CA PRO A 187 -4.61 -34.25 -15.55
C PRO A 187 -3.75 -33.58 -16.62
N ASP A 188 -4.05 -32.34 -16.98
CA ASP A 188 -3.27 -31.61 -18.00
C ASP A 188 -2.11 -30.78 -17.49
N VAL A 189 -1.92 -30.68 -16.17
CA VAL A 189 -0.98 -29.72 -15.61
C VAL A 189 0.46 -30.02 -16.05
N THR A 190 1.14 -29.03 -16.64
CA THR A 190 2.51 -29.23 -17.14
C THR A 190 3.46 -29.27 -15.93
N GLU A 191 4.66 -29.82 -16.08
CA GLU A 191 5.71 -29.75 -15.03
C GLU A 191 6.08 -28.31 -14.72
N GLU A 192 6.10 -27.50 -15.76
CA GLU A 192 6.44 -26.12 -15.60
C GLU A 192 5.43 -25.44 -14.68
N GLU A 193 4.13 -25.64 -14.94
CA GLU A 193 3.10 -25.00 -14.17
C GLU A 193 3.03 -25.55 -12.75
N PHE A 194 3.21 -26.85 -12.60
CA PHE A 194 3.34 -27.47 -11.26
C PHE A 194 4.43 -26.78 -10.42
N ARG A 195 5.61 -26.68 -10.98
CA ARG A 195 6.76 -26.05 -10.32
C ARG A 195 6.57 -24.57 -10.05
N ASN A 196 5.96 -23.85 -11.00
CA ASN A 196 5.66 -22.44 -10.84
C ASN A 196 4.75 -22.23 -9.62
N GLU A 197 3.71 -23.06 -9.51
CA GLU A 197 2.67 -22.87 -8.50
C GLU A 197 2.99 -23.51 -7.17
N LEU A 198 4.02 -24.36 -7.13
CA LEU A 198 4.36 -25.13 -5.92
C LEU A 198 4.58 -24.31 -4.65
N ALA A 199 5.22 -23.15 -4.76
CA ALA A 199 5.53 -22.35 -3.55
C ALA A 199 4.28 -21.92 -2.80
N ALA A 200 3.17 -21.74 -3.51
CA ALA A 200 1.91 -21.37 -2.86
C ALA A 200 1.45 -22.35 -1.78
N LEU A 201 1.82 -23.62 -1.94
CA LEU A 201 1.52 -24.64 -0.96
C LEU A 201 2.50 -24.63 0.23
N THR A 202 3.38 -23.64 0.33
CA THR A 202 4.19 -23.37 1.53
C THR A 202 3.71 -22.12 2.27
N LEU A 203 2.60 -21.53 1.81
CA LEU A 203 2.11 -20.32 2.45
C LEU A 203 1.34 -20.72 3.70
N GLY A 204 1.09 -19.76 4.58
CA GLY A 204 0.28 -20.00 5.76
C GLY A 204 -0.50 -18.79 6.22
N CYS A 205 -1.63 -19.04 6.87
CA CYS A 205 -2.42 -17.99 7.50
C CYS A 205 -1.91 -17.61 8.87
N GLY A 206 -2.30 -16.43 9.30
CA GLY A 206 -1.88 -15.90 10.59
C GLY A 206 -1.93 -14.40 10.54
N ALA A 207 -1.74 -13.79 11.70
CA ALA A 207 -1.79 -12.36 11.79
C ALA A 207 -0.99 -11.81 12.96
N ALA A 208 -0.73 -10.51 12.90
CA ALA A 208 0.17 -9.83 13.83
C ALA A 208 -0.09 -8.35 13.92
N ALA A 209 0.22 -7.78 15.07
CA ALA A 209 0.07 -6.35 15.23
C ALA A 209 1.07 -5.83 16.25
N MET A 210 1.50 -4.59 16.02
CA MET A 210 2.48 -3.93 16.87
C MET A 210 1.94 -2.55 17.22
N VAL A 211 1.99 -2.17 18.50
CA VAL A 211 1.77 -0.76 18.89
C VAL A 211 3.16 -0.20 19.10
N MET A 212 3.42 0.98 18.53
CA MET A 212 4.70 1.65 18.65
C MET A 212 4.37 2.99 19.29
N ALA A 213 5.36 3.55 19.98
CA ALA A 213 5.17 4.79 20.72
C ALA A 213 6.46 5.57 20.84
N ARG A 214 6.32 6.84 21.17
CA ARG A 214 7.46 7.69 21.56
C ARG A 214 8.00 7.12 22.86
N SER A 215 9.33 6.93 22.94
CA SER A 215 10.03 6.33 24.09
C SER A 215 9.74 6.95 25.44
N GLU A 216 9.46 8.25 25.44
CA GLU A 216 9.11 9.03 26.62
C GLU A 216 7.94 8.40 27.36
N LEU A 217 6.96 7.84 26.63
CA LEU A 217 5.74 7.26 27.22
C LEU A 217 5.88 5.84 27.73
N VAL A 218 6.85 5.09 27.17
CA VAL A 218 7.17 3.70 27.57
C VAL A 218 8.71 3.55 27.72
N PRO A 219 9.24 4.08 28.83
CA PRO A 219 10.71 4.13 29.03
C PRO A 219 11.44 2.76 29.09
N ASP A 220 10.73 1.69 29.40
CA ASP A 220 11.30 0.33 29.39
C ASP A 220 10.96 -0.57 28.20
N ALA A 221 10.07 -0.11 27.33
CA ALA A 221 9.83 -0.80 26.07
C ALA A 221 11.12 -0.91 25.23
N PRO A 222 11.19 -1.87 24.31
CA PRO A 222 12.20 -1.90 23.25
C PRO A 222 12.30 -0.68 22.36
N ARG A 223 13.51 -0.44 21.87
CA ARG A 223 13.77 0.65 20.92
C ARG A 223 13.79 0.06 19.51
N TYR A 224 13.15 0.79 18.58
CA TYR A 224 13.24 0.50 17.15
C TYR A 224 14.15 1.55 16.58
N LYS A 225 15.32 1.11 16.13
CA LYS A 225 16.33 1.98 15.49
C LYS A 225 16.12 2.22 14.01
N GLY A 226 15.38 1.32 13.35
CA GLY A 226 15.40 1.24 11.88
C GLY A 226 16.73 0.69 11.36
N GLY A 227 17.12 1.12 10.15
CA GLY A 227 18.24 0.49 9.45
C GLY A 227 18.44 0.92 8.01
N VAL A 228 18.64 -0.04 7.12
CA VAL A 228 19.05 0.21 5.74
C VAL A 228 18.18 -0.52 4.78
N THR A 229 18.14 -0.03 3.55
CA THR A 229 17.38 -0.65 2.49
C THR A 229 18.16 -0.63 1.22
N ARG A 230 18.22 -1.78 0.58
CA ARG A 230 18.69 -1.88 -0.77
C ARG A 230 17.66 -2.59 -1.65
N SER A 231 17.77 -2.40 -2.97
CA SER A 231 16.80 -2.99 -3.89
C SER A 231 17.44 -3.63 -5.15
N ALA A 232 16.60 -4.39 -5.85
CA ALA A 232 16.98 -5.06 -7.08
C ALA A 232 15.72 -5.25 -7.92
N THR A 233 15.23 -4.12 -8.41
CA THR A 233 13.90 -4.02 -9.06
C THR A 233 13.84 -4.67 -10.44
N GLU A 234 15.00 -4.98 -10.99
CA GLU A 234 15.09 -5.76 -12.23
C GLU A 234 14.63 -7.20 -12.07
N TRP A 235 14.42 -7.66 -10.83
CA TRP A 235 13.86 -9.01 -10.52
C TRP A 235 12.39 -9.04 -10.08
N ASN A 236 11.66 -7.98 -10.38
CA ASN A 236 10.24 -7.88 -9.97
C ASN A 236 9.30 -8.98 -10.45
N LYS A 237 9.67 -9.67 -11.54
CA LYS A 237 8.83 -10.75 -12.07
C LYS A 237 9.11 -12.10 -11.44
N LEU A 238 10.04 -12.19 -10.52
CA LEU A 238 10.35 -13.51 -9.92
C LEU A 238 9.19 -14.13 -9.15
N CYS A 239 8.36 -13.35 -8.49
CA CYS A 239 7.24 -13.91 -7.74
C CYS A 239 6.06 -13.01 -7.90
N ARG A 240 4.94 -13.57 -8.38
CA ARG A 240 3.75 -12.79 -8.72
C ARG A 240 2.43 -13.46 -8.29
N GLY A 241 1.58 -12.72 -7.57
CA GLY A 241 0.38 -13.32 -6.99
C GLY A 241 -0.86 -12.48 -7.07
N ASN A 242 -1.99 -13.13 -7.37
CA ASN A 242 -3.34 -12.53 -7.24
C ASN A 242 -4.10 -13.30 -6.17
N LEU A 243 -5.39 -13.01 -5.97
CA LEU A 243 -6.25 -13.74 -5.03
C LEU A 243 -6.07 -15.25 -5.00
N ASP A 244 -6.05 -15.89 -6.18
CA ASP A 244 -6.07 -17.37 -6.24
C ASP A 244 -4.83 -18.06 -6.80
N ARG A 245 -3.74 -17.33 -7.02
CA ARG A 245 -2.59 -17.92 -7.69
C ARG A 245 -1.32 -17.16 -7.43
N MET A 246 -0.28 -17.91 -7.04
CA MET A 246 1.10 -17.41 -6.98
C MET A 246 2.07 -18.24 -7.84
N VAL A 247 2.89 -17.55 -8.63
CA VAL A 247 3.91 -18.15 -9.50
C VAL A 247 5.28 -17.66 -8.96
N THR A 248 6.24 -18.57 -8.81
CA THR A 248 7.46 -18.31 -8.04
C THR A 248 8.69 -19.00 -8.64
N ASP A 249 9.68 -18.23 -9.08
CA ASP A 249 10.97 -18.75 -9.49
C ASP A 249 11.83 -18.92 -8.20
N THR A 250 11.55 -19.97 -7.42
CA THR A 250 12.23 -20.13 -6.14
C THR A 250 13.76 -20.14 -6.28
N ARG A 251 14.26 -20.68 -7.38
CA ARG A 251 15.71 -20.74 -7.66
C ARG A 251 16.33 -19.37 -7.73
N LEU A 252 15.79 -18.54 -8.60
CA LEU A 252 16.28 -17.14 -8.72
C LEU A 252 15.92 -16.23 -7.54
N LEU A 253 14.80 -16.48 -6.87
CA LEU A 253 14.55 -15.80 -5.59
C LEU A 253 15.66 -16.05 -4.61
N LEU A 254 16.09 -17.30 -4.50
CA LEU A 254 17.16 -17.66 -3.58
C LEU A 254 18.45 -16.93 -3.94
N ILE A 255 18.89 -17.10 -5.18
CA ILE A 255 20.20 -16.61 -5.59
C ILE A 255 20.25 -15.09 -5.56
N GLU A 256 19.23 -14.45 -6.10
CA GLU A 256 19.21 -13.00 -6.18
C GLU A 256 18.78 -12.39 -4.84
N GLY A 257 17.96 -13.10 -4.07
CA GLY A 257 17.71 -12.74 -2.70
C GLY A 257 18.94 -12.70 -1.82
N ILE A 258 19.83 -13.69 -1.94
CA ILE A 258 21.03 -13.75 -1.11
C ILE A 258 21.99 -12.66 -1.50
N LYS A 259 22.14 -12.43 -2.81
CA LYS A 259 23.03 -11.37 -3.33
C LYS A 259 22.60 -10.05 -2.75
N LEU A 260 21.28 -9.81 -2.79
CA LEU A 260 20.73 -8.56 -2.29
C LEU A 260 20.87 -8.43 -0.76
N ALA A 261 20.60 -9.50 -0.04
CA ALA A 261 20.88 -9.55 1.39
C ALA A 261 22.32 -9.14 1.68
N GLN A 262 23.25 -9.70 0.90
CA GLN A 262 24.68 -9.52 1.11
C GLN A 262 25.07 -8.04 0.98
N LYS A 263 24.60 -7.44 -0.11
CA LYS A 263 24.78 -6.02 -0.41
C LYS A 263 24.23 -5.10 0.70
N THR A 264 23.00 -5.39 1.14
CA THR A 264 22.37 -4.69 2.26
C THR A 264 23.19 -4.82 3.58
N PHE A 265 23.81 -5.98 3.78
CA PHE A 265 24.59 -6.24 4.97
C PHE A 265 25.87 -5.40 5.05
N VAL A 266 26.49 -5.17 3.88
CA VAL A 266 27.62 -4.25 3.77
C VAL A 266 27.18 -2.85 4.24
N ALA A 267 26.02 -2.42 3.75
CA ALA A 267 25.41 -1.17 4.23
C ALA A 267 25.04 -1.23 5.72
N ALA A 268 24.47 -2.35 6.20
CA ALA A 268 24.21 -2.48 7.66
C ALA A 268 25.47 -2.32 8.53
N LYS A 269 26.63 -2.79 8.07
CA LYS A 269 27.88 -2.55 8.79
C LYS A 269 28.17 -1.03 8.93
N GLN A 270 28.04 -0.28 7.83
CA GLN A 270 28.32 1.16 7.84
C GLN A 270 27.30 2.00 8.64
N VAL A 271 26.03 1.61 8.65
CA VAL A 271 25.04 2.43 9.36
C VAL A 271 24.69 1.85 10.73
N LEU A 272 24.51 0.53 10.82
CA LEU A 272 24.19 -0.10 12.09
C LEU A 272 25.40 -0.55 12.90
N GLY A 273 26.60 -0.50 12.32
CA GLY A 273 27.79 -1.08 12.96
C GLY A 273 27.68 -2.58 13.20
N TRP A 274 26.90 -3.28 12.39
CA TRP A 274 26.60 -4.71 12.61
C TRP A 274 27.81 -5.62 12.46
N ALA A 275 27.66 -6.81 13.05
CA ALA A 275 28.58 -7.91 12.83
C ALA A 275 27.83 -9.09 13.34
N VAL A 276 27.83 -10.19 12.59
CA VAL A 276 26.95 -11.32 12.92
C VAL A 276 27.15 -11.82 14.33
N GLU A 277 28.39 -11.84 14.80
CA GLU A 277 28.71 -12.32 16.17
C GLU A 277 28.19 -11.41 17.33
N GLU A 278 27.94 -10.13 17.04
CA GLU A 278 27.41 -9.16 18.04
C GLU A 278 25.88 -9.03 18.11
N LEU A 279 25.15 -9.78 17.28
CA LEU A 279 23.67 -9.81 17.32
C LEU A 279 23.19 -11.06 18.05
N ASP A 280 22.14 -10.91 18.85
CA ASP A 280 21.61 -11.98 19.70
C ASP A 280 20.50 -12.78 19.01
N GLN A 281 19.65 -12.10 18.25
CA GLN A 281 18.60 -12.76 17.44
C GLN A 281 18.56 -12.21 16.03
N PHE A 282 18.26 -13.11 15.09
CA PHE A 282 17.94 -12.76 13.71
C PHE A 282 16.50 -13.19 13.44
N VAL A 283 15.63 -12.21 13.18
CA VAL A 283 14.25 -12.47 12.76
C VAL A 283 14.15 -12.37 11.27
N ILE A 284 14.00 -13.50 10.56
CA ILE A 284 14.04 -13.49 9.08
C ILE A 284 12.69 -13.79 8.43
N ASP A 285 12.64 -13.71 7.10
CA ASP A 285 11.45 -14.14 6.37
C ASP A 285 11.34 -15.61 6.53
N GLN A 286 10.13 -16.08 6.73
CA GLN A 286 9.88 -17.48 6.96
C GLN A 286 9.46 -18.07 5.62
N VAL A 287 10.44 -18.66 4.92
CA VAL A 287 10.22 -19.20 3.57
C VAL A 287 10.29 -20.73 3.57
N SER A 288 11.48 -21.25 3.85
CA SER A 288 11.76 -22.69 3.74
C SER A 288 13.08 -23.04 4.39
N ARG A 289 13.31 -24.34 4.57
CA ARG A 289 14.58 -24.84 5.12
C ARG A 289 15.78 -24.53 4.20
N PRO A 290 15.64 -24.70 2.87
CA PRO A 290 16.80 -24.32 2.01
C PRO A 290 17.10 -22.81 1.99
N HIS A 291 16.07 -21.97 1.87
CA HIS A 291 16.26 -20.51 1.96
C HIS A 291 16.97 -20.15 3.27
N THR A 292 16.46 -20.66 4.39
CA THR A 292 17.03 -20.36 5.70
C THR A 292 18.49 -20.84 5.81
N ALA A 293 18.76 -22.11 5.46
CA ALA A 293 20.13 -22.67 5.49
C ALA A 293 21.13 -21.85 4.67
N ALA A 294 20.72 -21.43 3.48
CA ALA A 294 21.57 -20.65 2.58
C ALA A 294 21.90 -19.27 3.12
N PHE A 295 20.93 -18.66 3.79
CA PHE A 295 21.11 -17.38 4.45
C PHE A 295 22.05 -17.48 5.67
N VAL A 296 21.78 -18.43 6.56
CA VAL A 296 22.67 -18.67 7.69
C VAL A 296 24.11 -18.97 7.24
N LYS A 297 24.28 -19.88 6.28
CA LYS A 297 25.61 -20.24 5.74
C LYS A 297 26.29 -19.10 4.99
N SER A 298 25.51 -18.30 4.28
CA SER A 298 26.06 -17.17 3.57
C SER A 298 26.74 -16.17 4.54
N PHE A 299 26.13 -15.93 5.72
CA PHE A 299 26.66 -14.90 6.64
C PHE A 299 27.40 -15.45 7.87
N GLY A 300 27.42 -16.77 8.03
CA GLY A 300 28.14 -17.35 9.15
C GLY A 300 27.47 -17.09 10.48
N ILE A 301 26.15 -17.30 10.52
CA ILE A 301 25.27 -17.02 11.64
C ILE A 301 25.05 -18.32 12.42
N ASP A 302 25.01 -18.24 13.75
CA ASP A 302 24.60 -19.37 14.57
C ASP A 302 23.13 -19.71 14.32
N PRO A 303 22.82 -20.95 13.86
CA PRO A 303 21.41 -21.33 13.67
C PRO A 303 20.52 -21.11 14.90
N ALA A 304 21.01 -21.41 16.09
CA ALA A 304 20.24 -21.18 17.33
C ALA A 304 19.77 -19.73 17.49
N LYS A 305 20.50 -18.76 16.96
CA LYS A 305 20.04 -17.37 16.94
C LYS A 305 18.97 -17.03 15.85
N VAL A 306 18.46 -18.03 15.12
CA VAL A 306 17.46 -17.85 14.09
C VAL A 306 16.24 -18.72 14.36
N MET A 307 15.19 -18.14 14.93
CA MET A 307 13.97 -18.89 15.21
C MET A 307 13.12 -19.09 13.95
N THR A 308 12.52 -20.26 13.86
CA THR A 308 11.86 -20.75 12.66
C THR A 308 10.44 -21.18 13.00
N ILE A 309 9.47 -20.78 12.20
CA ILE A 309 8.09 -21.28 12.34
C ILE A 309 7.46 -21.80 11.05
N PHE A 310 8.19 -21.76 9.93
CA PHE A 310 7.64 -22.29 8.66
C PHE A 310 7.39 -23.77 8.80
N GLY A 311 8.15 -24.45 9.68
CA GLY A 311 7.95 -25.87 9.96
C GLY A 311 6.51 -26.25 10.21
N GLU A 312 5.80 -25.42 10.96
CA GLU A 312 4.45 -25.67 11.37
C GLU A 312 3.41 -24.61 10.90
N HIS A 313 3.86 -23.43 10.47
CA HIS A 313 2.92 -22.38 10.05
C HIS A 313 3.11 -21.92 8.62
N GLY A 314 4.11 -22.48 7.93
CA GLY A 314 4.55 -21.99 6.64
C GLY A 314 4.91 -20.52 6.63
N ASN A 315 4.79 -19.94 5.44
CA ASN A 315 5.19 -18.55 5.13
C ASN A 315 3.99 -17.61 5.21
N ILE A 316 4.03 -16.70 6.17
CA ILE A 316 2.91 -15.84 6.46
C ILE A 316 3.21 -14.46 5.90
N GLY A 317 3.95 -14.45 4.79
CA GLY A 317 4.38 -13.25 4.13
C GLY A 317 4.86 -12.18 5.09
N PRO A 318 4.36 -10.93 4.92
CA PRO A 318 4.87 -9.84 5.75
C PRO A 318 4.48 -9.91 7.22
N ALA A 319 3.55 -10.78 7.61
CA ALA A 319 3.30 -11.05 9.04
C ALA A 319 4.41 -11.87 9.70
N SER A 320 5.12 -12.71 8.95
CA SER A 320 6.14 -13.60 9.52
C SER A 320 7.09 -12.89 10.52
N VAL A 321 7.68 -11.76 10.13
CA VAL A 321 8.65 -11.06 10.98
C VAL A 321 8.05 -10.74 12.35
N PRO A 322 6.94 -9.98 12.39
CA PRO A 322 6.37 -9.69 13.69
C PRO A 322 5.86 -10.91 14.48
N ILE A 323 5.34 -11.90 13.77
CA ILE A 323 4.90 -13.14 14.40
C ILE A 323 6.10 -13.83 15.08
N VAL A 324 7.26 -13.82 14.44
CA VAL A 324 8.43 -14.46 15.02
C VAL A 324 8.89 -13.62 16.21
N LEU A 325 8.97 -12.32 16.03
CA LEU A 325 9.26 -11.42 17.16
C LEU A 325 8.33 -11.71 18.40
N SER A 326 7.02 -11.80 18.15
CA SER A 326 6.00 -11.98 19.18
C SER A 326 6.13 -13.31 19.87
N LYS A 327 6.51 -14.33 19.11
CA LYS A 327 6.69 -15.67 19.63
C LYS A 327 7.98 -15.76 20.44
N LEU A 328 9.02 -15.08 19.97
CA LEU A 328 10.27 -14.94 20.72
C LEU A 328 10.02 -14.32 22.09
N LYS A 329 9.17 -13.30 22.13
CA LYS A 329 8.76 -12.71 23.40
C LYS A 329 7.97 -13.71 24.22
N GLU A 330 6.97 -14.34 23.61
CA GLU A 330 6.14 -15.33 24.28
C GLU A 330 6.97 -16.45 24.96
N LEU A 331 8.05 -16.90 24.32
CA LEU A 331 8.90 -17.99 24.85
C LEU A 331 9.92 -17.51 25.90
N GLY A 332 10.02 -16.19 26.09
CA GLY A 332 11.05 -15.61 26.93
C GLY A 332 12.47 -15.77 26.41
N ARG A 333 12.66 -15.83 25.08
CA ARG A 333 14.02 -15.75 24.49
C ARG A 333 14.73 -14.39 24.74
N LEU A 334 13.96 -13.31 24.79
CA LEU A 334 14.47 -11.94 24.72
C LEU A 334 14.62 -11.29 26.09
N LYS A 335 15.76 -10.64 26.32
CA LYS A 335 16.14 -10.02 27.58
C LYS A 335 16.44 -8.55 27.28
N LYS A 336 16.20 -7.64 28.22
CA LYS A 336 16.61 -6.23 28.06
C LYS A 336 18.05 -6.21 27.57
N GLY A 337 18.32 -5.39 26.55
CA GLY A 337 19.67 -5.22 26.01
C GLY A 337 19.96 -6.05 24.77
N ASP A 338 19.12 -7.05 24.49
CA ASP A 338 19.31 -7.90 23.30
C ASP A 338 19.22 -7.10 22.03
N ARG A 339 20.20 -7.32 21.16
CA ARG A 339 20.31 -6.63 19.88
C ARG A 339 19.66 -7.54 18.87
N ILE A 340 18.52 -7.11 18.34
CA ILE A 340 17.65 -7.94 17.51
C ILE A 340 17.62 -7.50 16.03
N ALA A 341 18.33 -8.23 15.17
CA ALA A 341 18.26 -8.01 13.72
C ALA A 341 16.93 -8.47 13.07
N LEU A 342 16.17 -7.52 12.50
CA LEU A 342 15.05 -7.78 11.58
C LEU A 342 15.56 -7.69 10.13
N LEU A 343 15.53 -8.78 9.37
CA LEU A 343 16.03 -8.77 7.98
C LEU A 343 14.98 -9.38 7.08
N GLY A 344 14.55 -8.60 6.10
CA GLY A 344 13.55 -9.04 5.15
C GLY A 344 13.99 -8.90 3.69
N ILE A 345 13.80 -9.96 2.92
CA ILE A 345 13.96 -9.96 1.49
C ILE A 345 12.55 -10.17 0.91
N GLY A 346 11.92 -9.11 0.44
CA GLY A 346 10.62 -9.24 -0.21
C GLY A 346 10.71 -9.32 -1.73
N SER A 347 9.73 -9.97 -2.35
CA SER A 347 9.50 -9.96 -3.80
C SER A 347 9.54 -8.50 -4.30
N GLY A 348 10.35 -8.25 -5.34
CA GLY A 348 10.56 -6.89 -5.80
C GLY A 348 11.75 -6.71 -6.70
N LEU A 349 12.97 -7.03 -6.27
CA LEU A 349 13.35 -7.38 -4.90
C LEU A 349 13.72 -6.17 -4.06
N ASN A 350 13.32 -6.22 -2.80
CA ASN A 350 13.68 -5.24 -1.79
C ASN A 350 14.21 -5.98 -0.57
N CYS A 351 15.18 -5.38 0.10
CA CYS A 351 15.72 -5.94 1.34
C CYS A 351 15.92 -4.84 2.34
N SER A 352 15.26 -4.94 3.50
CA SER A 352 15.51 -4.01 4.60
C SER A 352 16.11 -4.81 5.72
N MET A 353 17.03 -4.16 6.43
CA MET A 353 17.66 -4.73 7.60
C MET A 353 17.59 -3.69 8.69
N ALA A 354 16.94 -4.03 9.80
CA ALA A 354 16.72 -3.11 10.89
C ALA A 354 17.08 -3.75 12.26
N GLU A 355 17.21 -2.91 13.29
CA GLU A 355 17.62 -3.33 14.62
C GLU A 355 16.58 -2.89 15.64
N VAL A 356 16.21 -3.83 16.49
CA VAL A 356 15.44 -3.56 17.68
C VAL A 356 16.38 -3.85 18.84
N VAL A 357 16.47 -2.94 19.80
CA VAL A 357 17.19 -3.22 21.05
C VAL A 357 16.12 -3.46 22.08
N TRP A 358 16.12 -4.66 22.64
CA TRP A 358 15.01 -5.07 23.51
C TRP A 358 15.07 -4.30 24.83
N HIS B 20 1.47 22.74 14.19
CA HIS B 20 2.62 23.43 14.81
C HIS B 20 3.84 23.56 13.85
N MET B 21 4.40 22.42 13.40
CA MET B 21 5.74 22.33 12.72
C MET B 21 5.68 21.82 11.24
N LEU B 22 5.62 22.76 10.28
CA LEU B 22 5.46 22.42 8.84
C LEU B 22 6.80 22.03 8.20
N PHE B 23 6.73 21.40 7.02
CA PHE B 23 7.92 21.08 6.21
C PHE B 23 8.49 22.37 5.57
N GLN B 24 9.76 22.70 5.86
CA GLN B 24 10.40 23.91 5.27
C GLN B 24 11.30 23.67 4.05
N ASN B 25 11.82 22.44 3.89
CA ASN B 25 12.74 22.10 2.79
C ASN B 25 12.32 20.92 1.86
N VAL B 26 11.01 20.75 1.65
CA VAL B 26 10.48 19.80 0.67
C VAL B 26 9.87 20.56 -0.50
N SER B 27 10.40 20.32 -1.71
CA SER B 27 9.92 20.98 -2.90
C SER B 27 9.31 19.98 -3.87
N ILE B 28 8.60 20.53 -4.88
CA ILE B 28 8.10 19.80 -6.03
C ILE B 28 8.99 20.12 -7.22
N ALA B 29 9.79 19.17 -7.63
CA ALA B 29 10.83 19.43 -8.61
C ALA B 29 10.30 19.22 -10.02
N GLY B 30 9.48 18.21 -10.23
CA GLY B 30 8.78 18.02 -11.48
C GLY B 30 7.40 17.40 -11.32
N LEU B 31 6.59 17.58 -12.36
CA LEU B 31 5.22 17.13 -12.34
C LEU B 31 4.80 16.76 -13.76
N ALA B 32 4.02 15.69 -13.89
CA ALA B 32 3.45 15.34 -15.19
C ALA B 32 2.18 14.44 -15.12
N HIS B 33 1.38 14.48 -16.18
CA HIS B 33 0.23 13.57 -16.36
C HIS B 33 0.22 12.93 -17.74
N ILE B 34 -0.57 11.87 -17.88
CA ILE B 34 -0.87 11.21 -19.15
C ILE B 34 -2.38 11.15 -19.26
N ASP B 35 -2.90 11.63 -20.38
CA ASP B 35 -4.31 11.50 -20.71
C ASP B 35 -4.39 10.19 -21.44
N ALA B 36 -5.43 9.40 -21.16
CA ALA B 36 -5.57 8.12 -21.83
C ALA B 36 -6.12 8.42 -23.26
N PRO B 37 -5.77 7.59 -24.26
CA PRO B 37 -6.02 7.92 -25.68
C PRO B 37 -7.40 7.65 -26.28
N HIS B 38 -8.12 6.65 -25.79
CA HIS B 38 -9.44 6.34 -26.34
C HIS B 38 -10.51 7.09 -25.52
N THR B 39 -11.52 7.63 -26.21
CA THR B 39 -12.68 8.28 -25.61
C THR B 39 -13.86 7.33 -25.74
N LEU B 40 -14.65 7.23 -24.68
CA LEU B 40 -15.92 6.56 -24.68
C LEU B 40 -16.89 7.59 -24.14
N THR B 41 -17.88 8.00 -24.93
CA THR B 41 -18.79 9.07 -24.50
C THR B 41 -19.97 8.44 -23.74
N SER B 42 -20.48 9.15 -22.74
CA SER B 42 -21.65 8.73 -21.98
C SER B 42 -22.87 8.54 -22.88
N LYS B 43 -22.89 9.21 -24.04
CA LYS B 43 -23.88 8.97 -25.08
C LYS B 43 -23.77 7.56 -25.63
N GLU B 44 -22.55 7.20 -26.03
CA GLU B 44 -22.27 5.87 -26.55
C GLU B 44 -22.63 4.81 -25.51
N ILE B 45 -22.24 5.04 -24.26
CA ILE B 45 -22.64 4.20 -23.13
C ILE B 45 -24.14 4.10 -23.00
N ASN B 46 -24.81 5.25 -22.92
CA ASN B 46 -26.27 5.30 -22.84
C ASN B 46 -27.04 4.53 -23.94
N GLU B 47 -26.49 4.46 -25.15
CA GLU B 47 -27.13 3.71 -26.25
C GLU B 47 -27.19 2.25 -25.90
N ARG B 48 -26.02 1.69 -25.61
CA ARG B 48 -25.89 0.29 -25.20
C ARG B 48 -26.61 -0.01 -23.86
N LEU B 49 -26.94 1.00 -23.06
CA LEU B 49 -27.77 0.84 -21.86
C LEU B 49 -29.30 1.11 -22.01
N GLN B 50 -29.76 1.52 -23.20
CA GLN B 50 -31.16 2.03 -23.35
C GLN B 50 -32.26 0.97 -23.06
N PRO B 51 -32.24 -0.21 -23.75
CA PRO B 51 -32.97 -1.39 -23.31
C PRO B 51 -33.16 -1.50 -21.81
N THR B 52 -32.07 -1.43 -21.05
CA THR B 52 -32.14 -1.65 -19.60
C THR B 52 -32.71 -0.43 -18.81
N TYR B 53 -32.50 0.80 -19.30
CA TYR B 53 -33.16 2.01 -18.75
C TYR B 53 -34.69 1.94 -18.93
N ASP B 54 -35.11 1.45 -20.10
CA ASP B 54 -36.52 1.29 -20.49
C ASP B 54 -37.23 0.16 -19.76
N ARG B 55 -36.49 -0.80 -19.22
CA ARG B 55 -37.06 -1.85 -18.39
C ARG B 55 -37.47 -1.26 -17.06
N LEU B 56 -36.52 -0.62 -16.40
CA LEU B 56 -36.75 -0.09 -15.05
C LEU B 56 -37.49 1.27 -15.06
N GLY B 57 -37.82 1.77 -16.26
CA GLY B 57 -38.64 2.97 -16.42
C GLY B 57 -37.97 4.22 -15.90
N ILE B 58 -36.63 4.22 -15.95
CA ILE B 58 -35.83 5.38 -15.55
C ILE B 58 -35.77 6.28 -16.78
N LYS B 59 -36.24 7.52 -16.59
CA LYS B 59 -36.32 8.52 -17.65
C LYS B 59 -34.97 9.26 -17.78
N THR B 60 -34.26 9.41 -16.65
CA THR B 60 -33.11 10.31 -16.53
C THR B 60 -31.77 9.73 -17.04
N ASP B 61 -30.91 10.64 -17.52
CA ASP B 61 -29.55 10.34 -17.93
C ASP B 61 -28.61 10.67 -16.76
N VAL B 62 -28.34 9.66 -15.92
CA VAL B 62 -27.67 9.89 -14.61
C VAL B 62 -26.22 10.26 -14.80
N LEU B 63 -25.62 9.80 -15.91
CA LEU B 63 -24.24 10.09 -16.26
C LEU B 63 -24.04 11.54 -16.66
N GLY B 64 -24.60 11.93 -17.81
CA GLY B 64 -24.41 13.27 -18.38
C GLY B 64 -25.21 14.39 -17.72
N ASP B 65 -26.48 14.14 -17.39
CA ASP B 65 -27.30 15.17 -16.74
C ASP B 65 -26.90 15.26 -15.27
N VAL B 66 -27.02 14.18 -14.49
CA VAL B 66 -26.85 14.28 -13.02
C VAL B 66 -25.38 14.37 -12.61
N ALA B 67 -24.57 13.40 -13.00
CA ALA B 67 -23.16 13.38 -12.64
C ALA B 67 -22.35 14.45 -13.34
N GLY B 68 -22.77 14.83 -14.54
CA GLY B 68 -22.09 15.83 -15.34
C GLY B 68 -20.86 15.28 -16.04
N ILE B 69 -20.86 13.97 -16.27
CA ILE B 69 -19.76 13.28 -16.89
C ILE B 69 -20.18 12.90 -18.29
N HIS B 70 -19.48 13.46 -19.27
CA HIS B 70 -19.82 13.35 -20.67
C HIS B 70 -18.91 12.45 -21.49
N ALA B 71 -17.69 12.24 -20.99
CA ALA B 71 -16.78 11.30 -21.62
C ALA B 71 -15.84 10.83 -20.55
N ARG B 72 -15.15 9.74 -20.87
CA ARG B 72 -13.99 9.32 -20.12
C ARG B 72 -12.97 8.67 -21.07
N ARG B 73 -11.73 8.60 -20.63
CA ARG B 73 -10.69 7.99 -21.43
C ARG B 73 -10.40 6.59 -20.96
N LEU B 74 -10.01 5.76 -21.93
CA LEU B 74 -9.61 4.36 -21.72
C LEU B 74 -8.27 4.11 -22.42
N TRP B 75 -7.49 3.17 -21.88
CA TRP B 75 -6.17 2.84 -22.42
C TRP B 75 -6.31 1.94 -23.63
N ASP B 76 -5.20 1.74 -24.37
CA ASP B 76 -5.12 0.65 -25.36
C ASP B 76 -5.37 -0.71 -24.67
N GLN B 77 -5.55 -1.76 -25.46
CA GLN B 77 -5.81 -3.08 -24.88
C GLN B 77 -4.60 -3.49 -24.02
N ASP B 78 -4.89 -3.97 -22.81
CA ASP B 78 -3.89 -4.52 -21.89
C ASP B 78 -2.65 -3.64 -21.57
N VAL B 79 -2.91 -2.34 -21.44
CA VAL B 79 -1.99 -1.45 -20.78
C VAL B 79 -2.31 -1.64 -19.30
N GLN B 80 -1.30 -1.94 -18.51
CA GLN B 80 -1.47 -2.15 -17.08
C GLN B 80 -1.23 -0.84 -16.35
N ALA B 81 -1.58 -0.78 -15.08
CA ALA B 81 -1.31 0.39 -14.26
C ALA B 81 0.18 0.79 -14.25
N SER B 82 1.05 -0.22 -14.11
CA SER B 82 2.49 0.01 -14.06
C SER B 82 3.02 0.62 -15.34
N ASP B 83 2.40 0.30 -16.47
CA ASP B 83 2.75 0.96 -17.75
C ASP B 83 2.39 2.44 -17.73
N ALA B 84 1.17 2.76 -17.33
CA ALA B 84 0.73 4.16 -17.27
C ALA B 84 1.53 4.97 -16.26
N ALA B 85 1.82 4.38 -15.10
CA ALA B 85 2.67 5.02 -14.12
C ALA B 85 4.08 5.23 -14.65
N THR B 86 4.61 4.26 -15.42
CA THR B 86 5.94 4.43 -16.02
C THR B 86 6.00 5.61 -17.04
N GLN B 87 5.01 5.70 -17.94
CA GLN B 87 4.95 6.82 -18.91
C GLN B 87 4.88 8.15 -18.16
N ALA B 88 4.04 8.21 -17.13
CA ALA B 88 3.92 9.43 -16.33
C ALA B 88 5.25 9.78 -15.63
N ALA B 89 5.89 8.74 -15.07
CA ALA B 89 7.10 8.92 -14.30
C ALA B 89 8.26 9.37 -15.18
N ARG B 90 8.30 8.87 -16.43
CA ARG B 90 9.28 9.31 -17.41
C ARG B 90 9.14 10.81 -17.67
N LYS B 91 7.90 11.29 -17.85
CA LYS B 91 7.65 12.70 -18.16
C LYS B 91 7.95 13.61 -16.98
N ALA B 92 7.66 13.15 -15.78
CA ALA B 92 7.96 13.91 -14.59
C ALA B 92 9.49 14.07 -14.47
N LEU B 93 10.21 12.97 -14.62
CA LEU B 93 11.67 13.01 -14.65
C LEU B 93 12.22 14.04 -15.63
N ILE B 94 11.73 14.04 -16.87
CA ILE B 94 12.09 15.08 -17.86
C ILE B 94 11.68 16.46 -17.36
N ASP B 95 10.47 16.59 -16.78
CA ASP B 95 10.03 17.87 -16.25
C ASP B 95 10.93 18.41 -15.13
N ALA B 96 11.41 17.53 -14.25
CA ALA B 96 12.37 17.92 -13.19
C ALA B 96 13.80 18.02 -13.70
N ASN B 97 14.07 17.48 -14.90
CA ASN B 97 15.35 17.62 -15.52
C ASN B 97 16.40 16.93 -14.64
N ILE B 98 16.01 15.79 -14.08
CA ILE B 98 16.96 14.88 -13.44
C ILE B 98 16.83 13.50 -14.04
N GLY B 99 17.92 12.75 -13.99
CA GLY B 99 17.91 11.33 -14.37
C GLY B 99 17.53 10.41 -13.21
N ILE B 100 17.11 9.22 -13.58
CA ILE B 100 16.64 8.15 -12.68
C ILE B 100 17.65 7.69 -11.63
N GLU B 101 18.95 7.85 -11.87
CA GLU B 101 19.98 7.56 -10.85
C GLU B 101 19.86 8.41 -9.58
N LYS B 102 19.09 9.49 -9.67
CA LYS B 102 18.86 10.39 -8.56
C LYS B 102 17.70 9.96 -7.65
N ILE B 103 16.84 9.06 -8.11
CA ILE B 103 15.63 8.75 -7.35
C ILE B 103 16.00 7.80 -6.24
N GLY B 104 15.75 8.23 -5.00
CA GLY B 104 15.97 7.44 -3.81
C GLY B 104 14.73 6.75 -3.27
N LEU B 105 13.57 7.08 -3.80
CA LEU B 105 12.32 6.49 -3.35
C LEU B 105 11.30 6.56 -4.49
N LEU B 106 10.51 5.50 -4.63
CA LEU B 106 9.42 5.49 -5.58
C LEU B 106 8.18 4.84 -4.95
N ILE B 107 7.16 5.66 -4.73
CA ILE B 107 5.89 5.24 -4.15
C ILE B 107 4.82 5.20 -5.21
N ASN B 108 4.20 4.02 -5.39
CA ASN B 108 3.00 3.87 -6.23
C ASN B 108 1.76 4.06 -5.39
N THR B 109 0.88 4.96 -5.81
CA THR B 109 -0.34 5.27 -5.03
C THR B 109 -1.69 4.80 -5.63
N SER B 110 -1.67 4.20 -6.82
CA SER B 110 -2.90 3.83 -7.52
C SER B 110 -3.83 2.86 -6.80
N VAL B 111 -5.11 2.93 -7.17
CA VAL B 111 -6.10 1.94 -6.79
C VAL B 111 -5.84 0.69 -7.62
N SER B 112 -5.74 0.89 -8.93
CA SER B 112 -5.35 -0.15 -9.89
C SER B 112 -4.02 -0.74 -9.51
N ARG B 113 -3.90 -2.06 -9.52
CA ARG B 113 -2.64 -2.70 -9.15
C ARG B 113 -2.39 -3.91 -10.03
N ASP B 114 -1.19 -4.01 -10.60
CA ASP B 114 -0.88 -5.17 -11.46
C ASP B 114 -1.11 -6.51 -10.74
N TYR B 115 -0.61 -6.63 -9.52
CA TYR B 115 -0.79 -7.84 -8.73
C TYR B 115 -0.98 -7.48 -7.25
N LEU B 116 -1.21 -8.49 -6.42
CA LEU B 116 -1.18 -8.33 -4.96
C LEU B 116 0.25 -8.30 -4.48
N GLU B 117 1.06 -9.18 -5.03
CA GLU B 117 2.50 -9.28 -4.77
C GLU B 117 3.13 -9.39 -6.16
N PRO B 118 4.21 -8.67 -6.47
CA PRO B 118 4.82 -7.65 -5.64
C PRO B 118 4.15 -6.30 -5.85
N SER B 119 4.72 -5.26 -5.24
CA SER B 119 4.23 -3.91 -5.45
C SER B 119 4.27 -3.52 -6.93
N THR B 120 3.28 -2.76 -7.34
CA THR B 120 3.32 -2.08 -8.61
C THR B 120 4.55 -1.15 -8.65
N ALA B 121 4.93 -0.56 -7.53
CA ALA B 121 6.11 0.32 -7.49
C ALA B 121 7.35 -0.37 -8.03
N SER B 122 7.59 -1.60 -7.59
CA SER B 122 8.78 -2.36 -8.01
C SER B 122 8.78 -2.59 -9.52
N ILE B 123 7.60 -2.82 -10.09
CA ILE B 123 7.50 -3.04 -11.53
C ILE B 123 7.88 -1.74 -12.23
N VAL B 124 7.31 -0.62 -11.76
CA VAL B 124 7.56 0.70 -12.36
C VAL B 124 9.06 1.01 -12.30
N SER B 125 9.64 0.76 -11.13
CA SER B 125 11.05 1.04 -10.85
C SER B 125 12.00 0.21 -11.70
N GLY B 126 11.64 -1.06 -11.92
CA GLY B 126 12.36 -1.94 -12.83
C GLY B 126 12.28 -1.48 -14.28
N ASN B 127 11.09 -1.05 -14.72
CA ASN B 127 10.91 -0.46 -16.04
C ASN B 127 11.81 0.76 -16.21
N LEU B 128 11.94 1.55 -15.14
CA LEU B 128 12.77 2.75 -15.17
C LEU B 128 14.26 2.48 -15.01
N GLY B 129 14.64 1.36 -14.41
CA GLY B 129 16.04 1.13 -14.07
C GLY B 129 16.56 1.92 -12.87
N VAL B 130 15.76 2.04 -11.82
CA VAL B 130 16.27 2.66 -10.58
C VAL B 130 17.49 1.93 -9.97
N SER B 131 18.23 2.64 -9.15
CA SER B 131 19.45 2.13 -8.57
C SER B 131 19.15 1.14 -7.48
N ASP B 132 20.19 0.49 -7.00
CA ASP B 132 20.06 -0.45 -5.89
C ASP B 132 19.77 0.24 -4.53
N HIS B 133 19.84 1.57 -4.48
CA HIS B 133 19.55 2.39 -3.28
C HIS B 133 18.10 2.83 -3.22
N CYS B 134 17.36 2.74 -4.33
CA CYS B 134 16.00 3.26 -4.37
C CYS B 134 15.08 2.34 -3.58
N MET B 135 14.40 2.89 -2.57
CA MET B 135 13.35 2.21 -1.81
C MET B 135 12.04 2.24 -2.60
N THR B 136 11.29 1.16 -2.58
CA THR B 136 10.02 1.12 -3.24
C THR B 136 8.96 0.49 -2.37
N PHE B 137 7.72 0.92 -2.58
CA PHE B 137 6.52 0.27 -2.07
C PHE B 137 5.26 0.95 -2.62
N ASP B 138 4.09 0.34 -2.39
CA ASP B 138 2.79 0.91 -2.75
C ASP B 138 2.09 1.43 -1.52
N VAL B 139 1.38 2.55 -1.66
CA VAL B 139 0.42 3.02 -0.67
C VAL B 139 -0.97 2.87 -1.28
N ALA B 140 -1.91 2.32 -0.49
CA ALA B 140 -3.33 2.22 -0.89
C ALA B 140 -4.23 2.91 0.13
N ASN B 141 -5.12 3.76 -0.37
CA ASN B 141 -6.01 4.61 0.47
C ASN B 141 -6.97 5.43 -0.44
N ALA B 142 -7.68 4.73 -1.34
CA ALA B 142 -8.72 5.32 -2.19
C ALA B 142 -8.20 6.59 -2.89
N CSO B 143 -8.98 7.67 -3.00
N CSO B 143 -9.01 7.65 -2.98
CA CSO B 143 -8.52 8.85 -3.76
CA CSO B 143 -8.68 8.89 -3.66
CB CSO B 143 -9.70 9.65 -4.30
CB CSO B 143 -9.97 9.71 -3.77
SG CSO B 143 -10.72 10.19 -3.00
SG CSO B 143 -10.68 9.47 -5.37
C CSO B 143 -7.56 9.72 -2.99
C CSO B 143 -7.61 9.72 -2.98
O CSO B 143 -7.07 10.71 -3.55
O CSO B 143 -7.10 10.67 -3.58
OD CSO B 143 -10.02 11.71 -2.53
OD CSO B 143 -12.40 9.17 -5.36
N LEU B 144 -7.26 9.38 -1.74
CA LEU B 144 -6.26 10.15 -0.97
C LEU B 144 -4.81 9.69 -1.12
N ALA B 145 -4.60 8.56 -1.79
CA ALA B 145 -3.30 7.89 -1.76
C ALA B 145 -2.14 8.72 -2.26
N PHE B 146 -2.35 9.55 -3.28
CA PHE B 146 -1.27 10.40 -3.80
C PHE B 146 -0.78 11.43 -2.78
N ILE B 147 -1.71 11.96 -1.99
CA ILE B 147 -1.37 12.94 -0.97
C ILE B 147 -0.67 12.23 0.21
N ASN B 148 -1.07 10.99 0.52
CA ASN B 148 -0.40 10.22 1.55
C ASN B 148 1.03 9.94 1.04
N GLY B 149 1.14 9.56 -0.23
CA GLY B 149 2.41 9.25 -0.85
C GLY B 149 3.32 10.47 -0.82
N MET B 150 2.75 11.61 -1.18
CA MET B 150 3.47 12.90 -1.14
C MET B 150 4.00 13.20 0.26
N ASP B 151 3.17 12.96 1.27
CA ASP B 151 3.54 13.20 2.67
C ASP B 151 4.58 12.23 3.21
N ILE B 152 4.45 10.97 2.87
CA ILE B 152 5.45 9.96 3.26
C ILE B 152 6.81 10.27 2.62
N ALA B 153 6.80 10.75 1.38
CA ALA B 153 8.05 11.11 0.69
C ALA B 153 8.68 12.34 1.33
N ALA B 154 7.84 13.33 1.62
CA ALA B 154 8.29 14.56 2.30
C ALA B 154 8.97 14.29 3.63
N ARG B 155 8.50 13.28 4.37
CA ARG B 155 9.11 12.89 5.65
C ARG B 155 10.53 12.35 5.52
N MET B 156 10.73 11.56 4.47
CA MET B 156 12.05 11.03 4.15
C MET B 156 13.00 12.10 3.62
N LEU B 157 12.46 13.04 2.86
CA LEU B 157 13.28 14.10 2.28
C LEU B 157 13.86 14.97 3.38
N GLU B 158 12.96 15.51 4.20
CA GLU B 158 13.29 16.28 5.41
C GLU B 158 14.31 15.58 6.35
N ARG B 159 14.25 14.27 6.49
CA ARG B 159 15.20 13.51 7.30
C ARG B 159 16.53 13.28 6.62
N GLY B 160 16.61 13.52 5.32
CA GLY B 160 17.85 13.34 4.58
C GLY B 160 18.05 11.90 4.23
N GLU B 161 16.97 11.13 4.16
CA GLU B 161 17.05 9.74 3.70
C GLU B 161 17.31 9.72 2.20
N ILE B 162 16.68 10.66 1.49
CA ILE B 162 16.76 10.75 0.04
C ILE B 162 16.84 12.23 -0.35
N ASP B 163 17.29 12.48 -1.57
CA ASP B 163 17.30 13.80 -2.17
C ASP B 163 16.13 14.00 -3.10
N TYR B 164 15.78 12.96 -3.85
CA TYR B 164 14.63 12.98 -4.76
C TYR B 164 13.75 11.74 -4.62
N ALA B 165 12.43 11.90 -4.74
CA ALA B 165 11.47 10.79 -4.76
C ALA B 165 10.54 10.87 -5.96
N LEU B 166 10.12 9.72 -6.45
CA LEU B 166 9.00 9.63 -7.40
C LEU B 166 7.76 9.15 -6.67
N VAL B 167 6.66 9.85 -6.89
CA VAL B 167 5.35 9.40 -6.44
C VAL B 167 4.56 9.24 -7.73
N VAL B 168 4.09 8.02 -7.99
CA VAL B 168 3.43 7.70 -9.27
C VAL B 168 2.06 7.08 -9.03
N ASP B 169 1.24 7.13 -10.08
CA ASP B 169 -0.12 6.63 -10.00
C ASP B 169 -0.69 6.48 -11.41
N GLY B 170 -0.91 5.24 -11.84
CA GLY B 170 -1.63 4.97 -13.09
C GLY B 170 -2.95 4.25 -12.83
N GLU B 171 -4.04 4.69 -13.44
CA GLU B 171 -5.35 4.09 -13.22
C GLU B 171 -5.93 3.49 -14.46
N THR B 172 -6.46 2.29 -14.33
CA THR B 172 -7.10 1.61 -15.46
C THR B 172 -8.50 1.17 -15.06
N ALA B 173 -9.44 1.44 -15.94
CA ALA B 173 -10.82 1.00 -15.76
C ALA B 173 -11.35 0.23 -16.99
N ASN B 174 -10.48 -0.08 -17.94
CA ASN B 174 -10.87 -0.81 -19.14
C ASN B 174 -11.71 -2.04 -18.78
N LEU B 175 -11.22 -2.82 -17.80
CA LEU B 175 -11.89 -4.03 -17.36
C LEU B 175 -13.17 -3.75 -16.60
N VAL B 176 -13.20 -2.72 -15.77
CA VAL B 176 -14.44 -2.38 -15.08
C VAL B 176 -15.56 -2.15 -16.10
N TYR B 177 -15.23 -1.45 -17.21
CA TYR B 177 -16.22 -1.12 -18.26
C TYR B 177 -16.69 -2.35 -19.04
N GLU B 178 -15.77 -3.20 -19.48
CA GLU B 178 -16.15 -4.43 -20.20
C GLU B 178 -17.16 -5.22 -19.39
N LYS B 179 -16.79 -5.47 -18.13
CA LYS B 179 -17.52 -6.37 -17.26
C LYS B 179 -18.75 -5.73 -16.68
N THR B 180 -18.64 -4.49 -16.23
CA THR B 180 -19.79 -3.80 -15.62
C THR B 180 -20.94 -3.64 -16.60
N LEU B 181 -20.62 -3.33 -17.85
CA LEU B 181 -21.61 -3.15 -18.89
C LEU B 181 -22.37 -4.44 -19.13
N GLU B 182 -21.63 -5.49 -19.48
CA GLU B 182 -22.20 -6.84 -19.70
C GLU B 182 -23.14 -7.29 -18.58
N ARG B 183 -22.75 -7.05 -17.35
CA ARG B 183 -23.56 -7.42 -16.16
C ARG B 183 -24.93 -6.75 -16.16
N MET B 184 -24.95 -5.43 -16.40
CA MET B 184 -26.19 -4.66 -16.45
C MET B 184 -27.01 -4.83 -17.77
N THR B 185 -26.37 -5.23 -18.89
CA THR B 185 -27.05 -5.41 -20.20
C THR B 185 -27.31 -6.89 -20.59
N SER B 186 -27.29 -7.76 -19.59
CA SER B 186 -27.74 -9.13 -19.71
C SER B 186 -29.28 -9.16 -19.84
N PRO B 187 -29.85 -10.30 -20.25
CA PRO B 187 -31.30 -10.50 -20.10
C PRO B 187 -31.85 -10.47 -18.65
N ASP B 188 -31.17 -11.07 -17.67
CA ASP B 188 -31.73 -11.14 -16.29
C ASP B 188 -31.83 -9.80 -15.56
N VAL B 189 -30.68 -9.16 -15.37
CA VAL B 189 -30.51 -7.87 -14.66
C VAL B 189 -31.23 -7.74 -13.28
N THR B 190 -30.68 -6.89 -12.43
CA THR B 190 -31.26 -6.60 -11.14
C THR B 190 -32.01 -5.25 -11.24
N GLU B 191 -32.13 -4.56 -10.10
CA GLU B 191 -33.02 -3.43 -9.88
C GLU B 191 -32.27 -2.23 -9.33
N GLU B 192 -31.87 -2.34 -8.06
CA GLU B 192 -31.23 -1.24 -7.29
C GLU B 192 -29.71 -1.31 -7.41
N GLU B 193 -29.17 -2.48 -7.80
CA GLU B 193 -27.73 -2.64 -8.00
C GLU B 193 -27.29 -1.71 -9.10
N PHE B 194 -28.12 -1.61 -10.14
CA PHE B 194 -27.98 -0.64 -11.24
C PHE B 194 -27.45 0.73 -10.76
N ARG B 195 -28.17 1.36 -9.83
CA ARG B 195 -27.81 2.69 -9.27
C ARG B 195 -26.46 2.69 -8.52
N ASN B 196 -26.18 1.62 -7.76
CA ASN B 196 -24.88 1.48 -7.09
C ASN B 196 -23.75 1.11 -8.08
N GLU B 197 -24.10 0.46 -9.20
CA GLU B 197 -23.16 0.00 -10.26
C GLU B 197 -22.79 1.12 -11.26
N LEU B 198 -23.78 1.91 -11.68
CA LEU B 198 -23.53 3.09 -12.52
C LEU B 198 -22.33 3.93 -12.11
N ALA B 199 -22.07 4.00 -10.81
CA ALA B 199 -20.88 4.72 -10.33
C ALA B 199 -19.58 4.19 -10.97
N ALA B 200 -19.51 2.90 -11.27
CA ALA B 200 -18.38 2.34 -12.02
C ALA B 200 -18.21 2.97 -13.42
N LEU B 201 -19.32 3.35 -14.04
CA LEU B 201 -19.28 4.00 -15.35
C LEU B 201 -19.01 5.51 -15.26
N THR B 202 -18.61 6.00 -14.08
CA THR B 202 -18.07 7.34 -13.92
C THR B 202 -16.56 7.33 -13.82
N LEU B 203 -15.95 6.15 -13.80
CA LEU B 203 -14.51 6.02 -13.63
C LEU B 203 -13.77 6.30 -14.94
N GLY B 204 -12.52 6.74 -14.83
CA GLY B 204 -11.71 7.03 -15.99
C GLY B 204 -10.25 6.65 -15.85
N CYS B 205 -9.63 6.33 -16.99
CA CYS B 205 -8.21 6.05 -17.05
C CYS B 205 -7.39 7.32 -17.08
N GLY B 206 -6.18 7.20 -16.54
CA GLY B 206 -5.24 8.32 -16.47
C GLY B 206 -4.07 8.05 -15.53
N ALA B 207 -3.04 8.86 -15.66
CA ALA B 207 -1.86 8.69 -14.84
C ALA B 207 -1.23 10.04 -14.53
N ALA B 208 -0.52 10.06 -13.40
CA ALA B 208 0.35 11.17 -13.07
C ALA B 208 1.56 10.70 -12.31
N ALA B 209 2.53 11.59 -12.26
CA ALA B 209 3.72 11.37 -11.48
C ALA B 209 4.26 12.74 -11.08
N MET B 210 4.96 12.74 -9.94
CA MET B 210 5.55 13.93 -9.33
C MET B 210 6.93 13.57 -8.81
N VAL B 211 7.93 14.40 -9.11
CA VAL B 211 9.28 14.25 -8.54
C VAL B 211 9.42 15.24 -7.37
N MET B 212 9.44 14.74 -6.14
CA MET B 212 9.66 15.63 -4.99
C MET B 212 11.16 15.62 -4.65
N ALA B 213 11.61 16.68 -3.98
CA ALA B 213 13.04 16.92 -3.76
C ALA B 213 13.34 17.79 -2.55
N ARG B 214 14.54 17.64 -2.00
CA ARG B 214 15.06 18.60 -1.01
C ARG B 214 15.29 19.97 -1.63
N SER B 215 14.87 21.02 -0.95
CA SER B 215 14.85 22.39 -1.51
C SER B 215 16.19 23.01 -1.82
N GLU B 216 17.21 22.71 -1.05
CA GLU B 216 18.52 23.23 -1.35
C GLU B 216 19.02 22.78 -2.76
N LEU B 217 18.41 21.74 -3.31
CA LEU B 217 18.71 21.25 -4.63
C LEU B 217 17.98 22.04 -5.72
N VAL B 218 16.74 22.39 -5.43
CA VAL B 218 15.83 23.07 -6.36
C VAL B 218 15.24 24.35 -5.70
N PRO B 219 16.07 25.40 -5.52
CA PRO B 219 15.65 26.61 -4.76
C PRO B 219 14.42 27.42 -5.29
N ASP B 220 14.20 27.47 -6.60
CA ASP B 220 13.02 28.21 -7.16
C ASP B 220 11.70 27.40 -7.26
N ALA B 221 11.73 26.13 -6.91
CA ALA B 221 10.62 25.24 -7.14
C ALA B 221 9.50 25.39 -6.08
N PRO B 222 8.26 24.94 -6.40
CA PRO B 222 7.17 24.93 -5.40
C PRO B 222 7.50 24.12 -4.12
N ARG B 223 6.85 24.45 -3.01
CA ARG B 223 7.15 23.83 -1.73
C ARG B 223 5.89 23.17 -1.19
N TYR B 224 6.03 21.95 -0.65
CA TYR B 224 4.96 21.21 0.02
C TYR B 224 5.17 21.42 1.51
N LYS B 225 4.17 21.94 2.18
CA LYS B 225 4.24 22.26 3.62
C LYS B 225 3.71 21.11 4.51
N GLY B 226 3.09 20.11 3.88
CA GLY B 226 2.25 19.16 4.60
C GLY B 226 0.84 19.65 4.82
N GLY B 227 0.11 18.88 5.62
CA GLY B 227 -1.13 19.36 6.19
C GLY B 227 -1.65 18.44 7.30
N VAL B 228 -2.95 18.14 7.20
CA VAL B 228 -3.70 17.40 8.22
C VAL B 228 -4.57 16.33 7.59
N THR B 229 -4.92 15.33 8.41
CA THR B 229 -5.88 14.27 8.06
C THR B 229 -6.89 14.12 9.19
N ARG B 230 -8.15 13.91 8.84
CA ARG B 230 -9.13 13.43 9.81
C ARG B 230 -9.87 12.26 9.15
N SER B 231 -10.57 11.47 9.95
CA SER B 231 -11.23 10.28 9.45
C SER B 231 -12.60 10.09 10.08
N ALA B 232 -13.38 9.22 9.47
CA ALA B 232 -14.62 8.73 10.03
C ALA B 232 -14.76 7.35 9.46
N THR B 233 -13.98 6.42 9.99
CA THR B 233 -13.88 5.07 9.45
C THR B 233 -15.08 4.17 9.78
N GLU B 234 -16.01 4.66 10.61
CA GLU B 234 -17.35 4.06 10.81
C GLU B 234 -18.10 3.79 9.50
N TRP B 235 -17.86 4.62 8.47
CA TRP B 235 -18.51 4.47 7.18
C TRP B 235 -17.63 3.71 6.19
N ASN B 236 -16.93 2.67 6.64
CA ASN B 236 -16.03 1.93 5.72
C ASN B 236 -16.79 1.03 4.71
N LYS B 237 -18.09 0.84 4.93
CA LYS B 237 -18.94 0.07 3.99
C LYS B 237 -19.26 0.79 2.64
N LEU B 238 -19.30 2.12 2.61
CA LEU B 238 -20.03 2.84 1.57
C LEU B 238 -19.49 2.79 0.12
N CYS B 239 -18.17 2.62 -0.06
CA CYS B 239 -17.58 2.48 -1.40
C CYS B 239 -16.58 1.31 -1.43
N ARG B 240 -16.91 0.27 -2.20
CA ARG B 240 -16.21 -1.02 -2.19
C ARG B 240 -15.96 -1.53 -3.63
N GLY B 241 -14.73 -1.33 -4.11
CA GLY B 241 -14.30 -1.71 -5.45
C GLY B 241 -13.40 -2.94 -5.54
N ASN B 242 -13.84 -3.93 -6.30
CA ASN B 242 -12.96 -5.01 -6.79
C ASN B 242 -12.32 -4.51 -8.13
N LEU B 243 -11.64 -5.41 -8.85
CA LEU B 243 -11.10 -5.10 -10.19
C LEU B 243 -12.25 -5.02 -11.22
N ASP B 244 -13.18 -5.97 -11.13
CA ASP B 244 -14.32 -6.10 -12.07
C ASP B 244 -15.55 -5.21 -11.76
N ARG B 245 -15.64 -4.66 -10.55
CA ARG B 245 -16.88 -4.14 -9.98
C ARG B 245 -16.61 -3.00 -9.01
N MET B 246 -17.49 -2.00 -9.03
CA MET B 246 -17.52 -0.98 -7.99
C MET B 246 -18.97 -0.83 -7.52
N VAL B 247 -19.18 -1.13 -6.24
CA VAL B 247 -20.45 -0.91 -5.55
C VAL B 247 -20.27 0.35 -4.74
N THR B 248 -21.17 1.33 -4.90
CA THR B 248 -21.11 2.57 -4.09
C THR B 248 -22.45 3.31 -3.85
N ASP B 249 -22.70 3.59 -2.57
CA ASP B 249 -23.71 4.55 -2.15
C ASP B 249 -23.07 5.95 -2.25
N THR B 250 -23.50 6.74 -3.23
CA THR B 250 -22.94 8.08 -3.44
C THR B 250 -23.62 9.15 -2.58
N ARG B 251 -24.88 8.93 -2.20
CA ARG B 251 -25.72 9.97 -1.57
C ARG B 251 -25.27 10.27 -0.15
N LEU B 252 -24.91 9.24 0.57
CA LEU B 252 -24.53 9.33 1.99
C LEU B 252 -23.04 9.67 2.08
N LEU B 253 -22.23 9.02 1.25
CA LEU B 253 -20.81 9.37 1.03
C LEU B 253 -20.60 10.90 0.82
N LEU B 254 -21.54 11.52 0.11
CA LEU B 254 -21.50 12.95 -0.16
C LEU B 254 -21.62 13.79 1.11
N ILE B 255 -22.58 13.43 1.94
CA ILE B 255 -22.97 14.24 3.09
C ILE B 255 -21.97 14.10 4.20
N GLU B 256 -21.58 12.86 4.51
CA GLU B 256 -20.63 12.56 5.59
C GLU B 256 -19.25 12.99 5.17
N GLY B 257 -18.97 12.84 3.87
CA GLY B 257 -17.81 13.42 3.23
C GLY B 257 -17.64 14.89 3.54
N ILE B 258 -18.67 15.68 3.22
CA ILE B 258 -18.63 17.11 3.51
C ILE B 258 -18.55 17.38 5.04
N LYS B 259 -19.33 16.66 5.84
CA LYS B 259 -19.23 16.82 7.29
C LYS B 259 -17.78 16.60 7.81
N LEU B 260 -17.11 15.57 7.27
CA LEU B 260 -15.72 15.28 7.59
C LEU B 260 -14.79 16.35 7.06
N ALA B 261 -15.04 16.79 5.83
CA ALA B 261 -14.23 17.86 5.22
C ALA B 261 -14.23 19.10 6.10
N GLN B 262 -15.41 19.47 6.61
CA GLN B 262 -15.57 20.64 7.50
C GLN B 262 -14.68 20.52 8.71
N LYS B 263 -14.82 19.40 9.39
CA LYS B 263 -13.95 19.06 10.52
C LYS B 263 -12.46 19.16 10.18
N THR B 264 -12.11 18.64 9.01
CA THR B 264 -10.72 18.66 8.55
C THR B 264 -10.23 20.09 8.26
N PHE B 265 -11.13 20.96 7.79
CA PHE B 265 -10.79 22.37 7.57
C PHE B 265 -10.51 23.14 8.88
N VAL B 266 -11.23 22.78 9.95
CA VAL B 266 -10.98 23.33 11.29
C VAL B 266 -9.58 22.93 11.74
N ALA B 267 -9.22 21.68 11.52
CA ALA B 267 -7.85 21.25 11.80
C ALA B 267 -6.83 22.02 10.92
N ALA B 268 -7.15 22.20 9.64
CA ALA B 268 -6.27 22.95 8.74
C ALA B 268 -6.08 24.42 9.17
N LYS B 269 -7.09 25.03 9.78
CA LYS B 269 -6.92 26.39 10.31
C LYS B 269 -5.79 26.41 11.34
N GLN B 270 -5.83 25.44 12.24
CA GLN B 270 -4.94 25.40 13.39
C GLN B 270 -3.48 25.11 13.07
N VAL B 271 -3.22 24.20 12.12
CA VAL B 271 -1.83 23.82 11.80
C VAL B 271 -1.29 24.58 10.59
N LEU B 272 -2.14 24.89 9.61
CA LEU B 272 -1.71 25.58 8.39
C LEU B 272 -1.85 27.12 8.39
N GLY B 273 -2.73 27.69 9.22
CA GLY B 273 -3.00 29.13 9.16
C GLY B 273 -3.79 29.49 7.90
N TRP B 274 -4.85 28.74 7.68
CA TRP B 274 -5.68 28.79 6.48
C TRP B 274 -6.98 29.56 6.66
N ALA B 275 -7.38 30.29 5.61
CA ALA B 275 -8.79 30.68 5.39
C ALA B 275 -9.06 30.57 3.89
N VAL B 276 -10.34 30.52 3.56
CA VAL B 276 -10.82 30.35 2.16
C VAL B 276 -10.41 31.51 1.27
N GLU B 277 -10.53 32.74 1.78
CA GLU B 277 -10.20 33.94 1.00
C GLU B 277 -8.72 34.01 0.65
N GLU B 278 -7.87 33.44 1.49
CA GLU B 278 -6.43 33.45 1.26
C GLU B 278 -5.94 32.52 0.14
N LEU B 279 -6.64 31.42 -0.07
CA LEU B 279 -6.16 30.37 -0.97
C LEU B 279 -6.47 30.68 -2.44
N ASP B 280 -5.45 30.48 -3.27
CA ASP B 280 -5.50 30.80 -4.69
C ASP B 280 -6.05 29.66 -5.52
N GLN B 281 -5.77 28.41 -5.11
CA GLN B 281 -6.33 27.23 -5.78
C GLN B 281 -6.77 26.11 -4.79
N PHE B 282 -7.87 25.47 -5.13
CA PHE B 282 -8.35 24.28 -4.46
C PHE B 282 -8.28 23.14 -5.45
N VAL B 283 -7.34 22.25 -5.24
CA VAL B 283 -7.20 21.09 -6.10
C VAL B 283 -7.83 19.89 -5.38
N ILE B 284 -8.94 19.42 -5.91
CA ILE B 284 -9.77 18.45 -5.26
C ILE B 284 -9.86 17.17 -6.05
N ASP B 285 -10.23 16.11 -5.34
CA ASP B 285 -10.56 14.84 -5.96
C ASP B 285 -11.78 15.11 -6.84
N GLN B 286 -11.80 14.51 -8.04
CA GLN B 286 -12.84 14.73 -9.06
C GLN B 286 -13.80 13.51 -9.14
N VAL B 287 -15.05 13.70 -8.70
CA VAL B 287 -16.05 12.61 -8.74
C VAL B 287 -17.19 12.96 -9.71
N SER B 288 -17.93 14.01 -9.38
CA SER B 288 -19.11 14.40 -10.17
C SER B 288 -19.46 15.85 -9.92
N ARG B 289 -20.39 16.37 -10.70
CA ARG B 289 -20.87 17.73 -10.53
C ARG B 289 -21.54 17.94 -9.15
N PRO B 290 -22.36 16.96 -8.70
CA PRO B 290 -22.91 17.06 -7.33
C PRO B 290 -21.89 17.04 -6.17
N HIS B 291 -20.90 16.13 -6.17
CA HIS B 291 -19.80 16.19 -5.16
C HIS B 291 -19.10 17.57 -5.22
N THR B 292 -18.82 18.06 -6.42
CA THR B 292 -18.07 19.29 -6.57
C THR B 292 -18.89 20.50 -6.13
N ALA B 293 -20.16 20.52 -6.49
CA ALA B 293 -21.01 21.67 -6.24
C ALA B 293 -21.32 21.76 -4.76
N ALA B 294 -21.68 20.63 -4.15
CA ALA B 294 -21.94 20.57 -2.71
C ALA B 294 -20.73 21.10 -1.92
N PHE B 295 -19.53 20.68 -2.34
CA PHE B 295 -18.27 21.08 -1.69
C PHE B 295 -18.05 22.60 -1.68
N VAL B 296 -18.08 23.18 -2.87
CA VAL B 296 -17.95 24.62 -3.10
C VAL B 296 -19.00 25.44 -2.29
N LYS B 297 -20.27 25.01 -2.37
CA LYS B 297 -21.38 25.65 -1.64
C LYS B 297 -21.18 25.59 -0.13
N SER B 298 -20.96 24.40 0.41
CA SER B 298 -20.68 24.24 1.86
C SER B 298 -19.53 25.13 2.41
N PHE B 299 -18.49 25.33 1.62
CA PHE B 299 -17.29 26.02 2.07
C PHE B 299 -17.21 27.45 1.56
N GLY B 300 -18.16 27.85 0.70
CA GLY B 300 -18.21 29.21 0.21
C GLY B 300 -17.02 29.55 -0.65
N ILE B 301 -16.66 28.61 -1.52
CA ILE B 301 -15.46 28.73 -2.36
C ILE B 301 -15.83 29.38 -3.69
N ASP B 302 -14.99 30.31 -4.14
CA ASP B 302 -15.07 30.89 -5.48
C ASP B 302 -14.92 29.72 -6.46
N PRO B 303 -15.96 29.43 -7.25
CA PRO B 303 -15.82 28.28 -8.19
C PRO B 303 -14.64 28.42 -9.16
N ALA B 304 -14.29 29.66 -9.48
CA ALA B 304 -13.15 29.96 -10.34
C ALA B 304 -11.80 29.44 -9.85
N LYS B 305 -11.66 29.08 -8.57
CA LYS B 305 -10.40 28.57 -8.00
C LYS B 305 -10.37 27.03 -7.93
N VAL B 306 -11.26 26.38 -8.69
CA VAL B 306 -11.54 24.95 -8.55
C VAL B 306 -11.65 24.37 -9.94
N MET B 307 -10.50 23.94 -10.49
CA MET B 307 -10.41 23.29 -11.79
C MET B 307 -11.06 21.90 -11.80
N THR B 308 -11.76 21.60 -12.89
CA THR B 308 -12.60 20.42 -13.06
C THR B 308 -12.23 19.67 -14.32
N ILE B 309 -12.10 18.34 -14.19
CA ILE B 309 -11.85 17.43 -15.31
C ILE B 309 -12.79 16.22 -15.47
N PHE B 310 -13.63 15.92 -14.48
CA PHE B 310 -14.60 14.81 -14.60
C PHE B 310 -15.54 14.93 -15.82
N GLY B 311 -15.90 16.16 -16.19
CA GLY B 311 -16.66 16.38 -17.41
C GLY B 311 -16.21 15.53 -18.58
N GLU B 312 -14.88 15.50 -18.81
CA GLU B 312 -14.32 14.85 -19.98
C GLU B 312 -13.38 13.69 -19.68
N HIS B 313 -13.13 13.42 -18.40
CA HIS B 313 -12.27 12.30 -18.01
C HIS B 313 -12.84 11.35 -16.98
N GLY B 314 -13.98 11.70 -16.39
CA GLY B 314 -14.55 10.93 -15.28
C GLY B 314 -13.70 10.94 -14.03
N ASN B 315 -13.88 9.91 -13.20
CA ASN B 315 -13.20 9.81 -11.92
C ASN B 315 -11.92 8.97 -12.06
N ILE B 316 -10.78 9.62 -11.88
CA ILE B 316 -9.47 8.96 -11.98
C ILE B 316 -8.90 8.68 -10.60
N GLY B 317 -9.78 8.54 -9.61
CA GLY B 317 -9.37 8.23 -8.26
C GLY B 317 -8.21 9.11 -7.76
N PRO B 318 -7.16 8.48 -7.21
CA PRO B 318 -6.10 9.29 -6.56
C PRO B 318 -5.18 10.03 -7.52
N ALA B 319 -5.21 9.67 -8.80
CA ALA B 319 -4.48 10.42 -9.83
C ALA B 319 -5.14 11.76 -10.14
N SER B 320 -6.43 11.92 -9.82
CA SER B 320 -7.19 13.17 -10.06
C SER B 320 -6.49 14.46 -9.55
N VAL B 321 -6.06 14.45 -8.31
CA VAL B 321 -5.40 15.61 -7.73
C VAL B 321 -4.11 16.06 -8.49
N PRO B 322 -3.13 15.16 -8.64
CA PRO B 322 -1.94 15.56 -9.36
C PRO B 322 -2.17 15.80 -10.86
N ILE B 323 -3.14 15.11 -11.46
CA ILE B 323 -3.55 15.44 -12.84
C ILE B 323 -4.01 16.90 -12.96
N VAL B 324 -4.83 17.34 -12.00
CA VAL B 324 -5.36 18.70 -11.97
C VAL B 324 -4.25 19.70 -11.73
N LEU B 325 -3.36 19.42 -10.76
CA LEU B 325 -2.22 20.29 -10.51
C LEU B 325 -1.33 20.41 -11.75
N SER B 326 -1.11 19.32 -12.45
CA SER B 326 -0.23 19.32 -13.61
C SER B 326 -0.87 20.13 -14.72
N LYS B 327 -2.18 19.93 -14.93
CA LYS B 327 -2.94 20.69 -15.93
C LYS B 327 -2.91 22.18 -15.64
N LEU B 328 -3.17 22.55 -14.40
CA LEU B 328 -3.01 23.94 -13.97
C LEU B 328 -1.62 24.45 -14.32
N LYS B 329 -0.59 23.71 -13.93
CA LYS B 329 0.79 24.12 -14.23
C LYS B 329 0.95 24.36 -15.73
N GLU B 330 0.58 23.38 -16.54
CA GLU B 330 0.82 23.49 -17.96
C GLU B 330 0.06 24.64 -18.65
N LEU B 331 -1.04 25.09 -18.06
CA LEU B 331 -1.79 26.21 -18.61
C LEU B 331 -1.36 27.56 -18.06
N GLY B 332 -0.26 27.59 -17.31
CA GLY B 332 0.27 28.83 -16.76
C GLY B 332 -0.67 29.52 -15.82
N ARG B 333 -1.42 28.76 -15.02
CA ARG B 333 -2.31 29.30 -14.03
C ARG B 333 -1.63 29.59 -12.71
N LEU B 334 -0.48 28.98 -12.46
CA LEU B 334 0.11 29.03 -11.12
C LEU B 334 1.23 30.06 -11.10
N LYS B 335 0.95 31.19 -10.47
CA LYS B 335 1.93 32.26 -10.25
C LYS B 335 2.80 31.90 -9.04
N LYS B 336 4.09 32.25 -9.11
CA LYS B 336 5.00 32.21 -7.98
C LYS B 336 4.32 32.88 -6.78
N GLY B 337 4.31 32.23 -5.61
CA GLY B 337 3.67 32.74 -4.41
C GLY B 337 2.26 32.24 -4.14
N ASP B 338 1.61 31.66 -5.15
CA ASP B 338 0.25 31.12 -4.98
C ASP B 338 0.17 30.09 -3.83
N ARG B 339 -0.93 30.13 -3.08
CA ARG B 339 -1.18 29.15 -2.03
C ARG B 339 -2.25 28.16 -2.50
N ILE B 340 -1.85 26.88 -2.59
CA ILE B 340 -2.64 25.84 -3.26
C ILE B 340 -3.11 24.76 -2.28
N ALA B 341 -4.42 24.55 -2.19
CA ALA B 341 -4.95 23.53 -1.31
C ALA B 341 -5.05 22.23 -2.10
N LEU B 342 -4.30 21.23 -1.66
CA LEU B 342 -4.50 19.89 -2.15
C LEU B 342 -5.46 19.25 -1.20
N LEU B 343 -6.59 18.76 -1.70
CA LEU B 343 -7.50 18.07 -0.81
C LEU B 343 -8.38 17.01 -1.43
N GLY B 344 -8.84 16.08 -0.59
CA GLY B 344 -9.70 15.00 -1.04
C GLY B 344 -10.47 14.35 0.09
N ILE B 345 -11.59 13.74 -0.28
CA ILE B 345 -12.44 12.96 0.61
C ILE B 345 -12.47 11.57 0.02
N GLY B 346 -11.75 10.66 0.65
CA GLY B 346 -11.62 9.29 0.19
C GLY B 346 -12.48 8.33 1.00
N SER B 347 -12.69 7.15 0.42
CA SER B 347 -13.38 6.06 1.08
C SER B 347 -12.60 5.63 2.31
N GLY B 348 -13.36 5.33 3.34
CA GLY B 348 -12.83 5.12 4.68
C GLY B 348 -13.93 5.29 5.72
N LEU B 349 -14.54 6.47 5.84
CA LEU B 349 -14.14 7.72 5.17
C LEU B 349 -12.84 8.33 5.76
N ASN B 350 -11.99 8.88 4.88
CA ASN B 350 -10.85 9.69 5.28
C ASN B 350 -10.92 11.04 4.56
N CYS B 351 -10.29 12.05 5.15
CA CYS B 351 -10.11 13.36 4.52
C CYS B 351 -8.74 14.00 4.82
N SER B 352 -8.07 14.47 3.78
CA SER B 352 -6.72 15.01 3.91
C SER B 352 -6.67 16.32 3.16
N MET B 353 -5.95 17.28 3.72
CA MET B 353 -5.84 18.63 3.17
C MET B 353 -4.43 19.12 3.40
N ALA B 354 -3.76 19.58 2.36
CA ALA B 354 -2.39 20.04 2.45
C ALA B 354 -2.11 21.27 1.57
N GLU B 355 -1.00 21.96 1.84
CA GLU B 355 -0.65 23.18 1.15
C GLU B 355 0.63 23.05 0.29
N VAL B 356 0.59 23.67 -0.88
CA VAL B 356 1.72 23.87 -1.74
C VAL B 356 1.78 25.36 -1.95
N VAL B 357 2.97 25.91 -1.92
CA VAL B 357 3.23 27.32 -2.13
C VAL B 357 4.02 27.30 -3.40
N TRP B 358 3.42 27.77 -4.50
CA TRP B 358 4.08 27.72 -5.81
C TRP B 358 5.39 28.50 -5.87
P PO4 C . 6.58 -5.17 25.06
O1 PO4 C . 5.55 -6.09 24.42
O2 PO4 C . 5.94 -4.32 26.14
O3 PO4 C . 7.14 -4.25 24.00
O4 PO4 C . 7.71 -6.01 25.62
P PO4 D . 6.11 -38.49 -2.68
O1 PO4 D . 5.55 -38.96 -4.00
O2 PO4 D . 6.64 -37.11 -2.98
O3 PO4 D . 5.04 -38.34 -1.61
O4 PO4 D . 7.25 -39.39 -2.25
P PO4 E . -0.84 -14.34 -2.79
O1 PO4 E . -1.06 -12.86 -2.91
O2 PO4 E . -1.32 -15.05 -4.06
O3 PO4 E . -1.57 -14.91 -1.58
O4 PO4 E . 0.65 -14.54 -2.68
C1 GOL F . 15.32 5.53 8.53
O1 GOL F . 16.43 6.41 8.36
C2 GOL F . 15.79 4.16 8.12
O2 GOL F . 16.90 3.91 8.95
C3 GOL F . 14.69 3.14 8.31
O3 GOL F . 14.90 1.98 7.50
P PO4 G . 21.13 21.48 4.17
O1 PO4 G . 20.40 22.80 4.37
O2 PO4 G . 20.30 20.57 3.31
O3 PO4 G . 21.31 20.80 5.52
O4 PO4 G . 22.44 21.66 3.45
P PO4 H . -24.59 12.72 -22.30
O1 PO4 H . -25.34 13.94 -21.82
O2 PO4 H . -24.95 12.43 -23.75
O3 PO4 H . -24.97 11.50 -21.52
O4 PO4 H . -23.11 13.00 -22.12
C1 GOL I . 1.72 18.47 10.03
O1 GOL I . 2.48 18.69 11.23
C2 GOL I . 2.65 18.25 8.84
O2 GOL I . 4.02 18.48 9.19
C3 GOL I . 2.52 16.85 8.25
O3 GOL I . 1.72 16.85 7.04
C1 GOL J . -2.40 15.00 4.49
O1 GOL J . -1.80 16.26 4.22
C2 GOL J . -1.46 14.23 5.41
O2 GOL J . -1.61 14.69 6.79
C3 GOL J . -1.73 12.74 5.25
O3 GOL J . -0.73 12.20 4.42
#